data_9K1X
#
_entry.id   9K1X
#
loop_
_entity.id
_entity.type
_entity.pdbx_description
1 polymer 'Sodium- and chloride-dependent taurine transporter'
2 polymer 'Fragment antigen binding heavy chain'
3 polymer 'Fragment antigen binding light chain'
4 non-polymer Taurocyamine
5 non-polymer 'SODIUM ION'
6 non-polymer 'CHLORIDE ION'
7 water water
#
loop_
_entity_poly.entity_id
_entity_poly.type
_entity_poly.pdbx_seq_one_letter_code
_entity_poly.pdbx_strand_id
1 'polypeptide(L)'
;MATKEKLQCLKDFHKDILKPSPGKSPGTRPEDEAEGKPPQREKWSSKIDFVLSVAGGFVGLGNVWRFPYLCYKNGGGAFL
IPYFIFLFGSGLPVFFLEIIIGQYTSEGGITCWEKICPLFSGIGYASVVIVSLLNVYYIVILAWATYYLFQSFQKELPWA
HCNHSWNTPHCMEDTMRKNKSVWITISSTNFTSPVIEFWERNVLSLSPGIDHPGSLKWDLALCLLLVWLVCFFCIWKGVR
STGKVVYFTATFPFAMLLVLLVRGLTLPGAGAGIKFYLYPDITRLEDPQVWIDAGTQIFFSYAICLGAMTSLGSYNKYHN
NVYRDCMLLGCLNSGTSFVSGFAIFSILGFMAQEQGVDIADVAESGPGLAFIAYPKAVTMMPLPTFWSILFFIMLLLLGL
DSQFVEVEGQITSLVDLYPSFLRKGYRREIFIAFVCSISYLLGLTMVTEGGMYVFQLFDYYAASGVCLLWVAFFECFVIA
WIYGGNRFSEDIRDMIGFPPGPWMKYSWAVITPVLCVGCFIFSLVKYVPLTYNKTYVYPNWAIGLGWSLALSSMLCVPLV
IVIRLCQTEGPFLVRVKYLLTPREPNRWAVEREGATPYNSRTVMNGALVKPTHIIVETMMGSDEVDAGSHHHHHHHHHHG
SVEDYKDDDDK
;
A
2 'polypeptide(L)'
;EVQLVESGGGLVKPGGSLKLSCAASGFTFSSYAMSWVRQSPEKRLEWVAEISSGGRYIYYSDTVTGRFTISRDNARNILH
LEMSSLRSEDTAMYYCARGEVRQRGFDYWGQGTTLTVS
;
H
3 'polypeptide(L)'
;ENVLTQSPAIMSTSPGEKVTMTCRASSSVGSSYLHWYQQKSGASPKLWIYSTSNLASGVPARFSGSGSGTSYSLTISSVE
AEDAATYYCQQFSGYPLTFGSGTKLEMGSDEVDAGSHHHHHHHHHHGSVEDYKDDDDK
;
L
#
# COMPACT_ATOMS: atom_id res chain seq x y z
N LYS A 47 -14.14 -4.26 1.90
CA LYS A 47 -14.55 -4.26 3.34
C LYS A 47 -13.34 -4.12 4.25
N ILE A 48 -13.61 -3.77 5.50
CA ILE A 48 -12.54 -3.35 6.42
C ILE A 48 -11.58 -4.46 6.80
N ASP A 49 -11.85 -5.71 6.39
CA ASP A 49 -10.86 -6.76 6.62
C ASP A 49 -9.54 -6.42 5.94
N PHE A 50 -9.60 -5.91 4.71
CA PHE A 50 -8.39 -5.49 4.01
C PHE A 50 -7.71 -4.32 4.70
N VAL A 51 -8.50 -3.29 5.03
CA VAL A 51 -7.94 -2.09 5.64
C VAL A 51 -7.30 -2.44 6.98
N LEU A 52 -8.00 -3.22 7.81
CA LEU A 52 -7.43 -3.62 9.09
C LEU A 52 -6.19 -4.47 8.91
N SER A 53 -6.21 -5.39 7.93
CA SER A 53 -5.03 -6.22 7.71
C SER A 53 -3.83 -5.36 7.37
N VAL A 54 -3.99 -4.40 6.46
CA VAL A 54 -2.86 -3.57 6.06
C VAL A 54 -2.40 -2.70 7.21
N ALA A 55 -3.35 -2.06 7.91
CA ALA A 55 -3.00 -1.15 8.99
C ALA A 55 -2.24 -1.88 10.09
N GLY A 56 -2.74 -3.06 10.50
CA GLY A 56 -2.05 -3.82 11.51
C GLY A 56 -0.74 -4.41 11.01
N GLY A 57 -0.62 -4.62 9.71
CA GLY A 57 0.59 -5.18 9.16
C GLY A 57 1.74 -4.20 9.10
N PHE A 58 1.58 -3.09 8.37
CA PHE A 58 2.71 -2.21 8.11
C PHE A 58 2.81 -1.01 9.04
N VAL A 59 1.89 -0.84 9.99
CA VAL A 59 2.13 -0.04 11.18
C VAL A 59 2.59 -0.97 12.29
N GLY A 60 3.76 -0.70 12.85
CA GLY A 60 4.34 -1.61 13.83
C GLY A 60 5.64 -1.09 14.42
N LEU A 61 6.57 -2.00 14.70
CA LEU A 61 7.83 -1.61 15.30
C LEU A 61 8.68 -0.76 14.36
N GLY A 62 8.41 -0.82 13.05
CA GLY A 62 9.13 0.05 12.13
C GLY A 62 8.94 1.52 12.46
N ASN A 63 7.76 1.89 12.95
CA ASN A 63 7.48 3.29 13.29
C ASN A 63 7.94 3.62 14.70
N VAL A 64 7.60 2.76 15.67
CA VAL A 64 7.82 3.10 17.08
C VAL A 64 9.27 2.88 17.50
N TRP A 65 9.97 1.94 16.87
CA TRP A 65 11.29 1.52 17.31
C TRP A 65 12.40 1.80 16.30
N ARG A 66 12.19 1.46 15.03
CA ARG A 66 13.28 1.59 14.07
C ARG A 66 13.50 3.04 13.65
N PHE A 67 12.44 3.72 13.22
CA PHE A 67 12.58 5.09 12.72
C PHE A 67 13.30 6.00 13.72
N PRO A 68 12.92 6.04 15.00
CA PRO A 68 13.66 6.90 15.93
C PRO A 68 15.14 6.58 16.00
N TYR A 69 15.51 5.30 15.98
CA TYR A 69 16.91 4.95 16.18
C TYR A 69 17.74 5.24 14.94
N LEU A 70 17.17 5.03 13.75
CA LEU A 70 17.87 5.41 12.53
C LEU A 70 17.99 6.93 12.42
N CYS A 71 16.94 7.66 12.81
CA CYS A 71 17.02 9.12 12.79
C CYS A 71 18.08 9.63 13.77
N TYR A 72 18.11 9.07 14.98
CA TYR A 72 19.10 9.46 15.96
C TYR A 72 20.51 9.11 15.49
N LYS A 73 20.66 7.94 14.89
CA LYS A 73 21.96 7.51 14.38
C LYS A 73 22.51 8.50 13.35
N ASN A 74 21.64 9.13 12.58
CA ASN A 74 22.03 10.05 11.51
C ASN A 74 21.86 11.52 11.90
N GLY A 75 21.90 11.83 13.19
CA GLY A 75 21.94 13.21 13.62
C GLY A 75 20.63 13.98 13.49
N GLY A 76 19.50 13.28 13.44
CA GLY A 76 18.22 13.95 13.49
C GLY A 76 17.73 14.56 12.18
N GLY A 77 17.79 15.88 12.09
CA GLY A 77 17.09 16.59 11.03
C GLY A 77 17.53 16.21 9.64
N ALA A 78 18.82 15.91 9.46
CA ALA A 78 19.30 15.56 8.12
C ALA A 78 18.61 14.33 7.58
N PHE A 79 18.05 13.50 8.47
CA PHE A 79 17.40 12.27 8.06
C PHE A 79 16.11 12.53 7.31
N LEU A 80 15.43 13.63 7.60
CA LEU A 80 14.07 13.83 7.10
C LEU A 80 14.04 14.20 5.62
N ILE A 81 15.08 14.87 5.11
CA ILE A 81 15.09 15.31 3.72
C ILE A 81 15.03 14.10 2.81
N PRO A 82 16.02 13.20 2.84
CA PRO A 82 15.91 11.98 2.03
C PRO A 82 14.71 11.14 2.41
N TYR A 83 14.29 11.19 3.69
CA TYR A 83 13.12 10.44 4.11
C TYR A 83 11.88 10.83 3.29
N PHE A 84 11.57 12.12 3.23
CA PHE A 84 10.40 12.55 2.49
C PHE A 84 10.62 12.45 0.98
N ILE A 85 11.84 12.68 0.51
CA ILE A 85 12.12 12.50 -0.91
C ILE A 85 11.75 11.08 -1.33
N PHE A 86 12.24 10.08 -0.59
CA PHE A 86 11.86 8.71 -0.87
C PHE A 86 10.38 8.46 -0.64
N LEU A 87 9.82 9.00 0.44
CA LEU A 87 8.40 8.76 0.69
C LEU A 87 7.59 9.09 -0.54
N PHE A 88 7.59 10.36 -0.94
CA PHE A 88 6.73 10.79 -2.05
C PHE A 88 7.26 10.40 -3.42
N GLY A 89 8.53 10.01 -3.57
CA GLY A 89 8.99 9.55 -4.86
C GLY A 89 8.71 8.08 -5.11
N SER A 90 8.89 7.23 -4.10
CA SER A 90 8.84 5.78 -4.30
C SER A 90 7.88 5.07 -3.35
N GLY A 91 7.83 5.51 -2.09
CA GLY A 91 7.19 4.70 -1.07
C GLY A 91 5.73 4.43 -1.36
N LEU A 92 4.92 5.49 -1.40
CA LEU A 92 3.50 5.31 -1.67
C LEU A 92 3.26 4.69 -3.04
N PRO A 93 3.90 5.14 -4.11
CA PRO A 93 3.68 4.49 -5.41
C PRO A 93 4.02 3.01 -5.42
N VAL A 94 5.11 2.60 -4.78
CA VAL A 94 5.48 1.19 -4.79
C VAL A 94 4.56 0.37 -3.89
N PHE A 95 4.06 0.97 -2.81
CA PHE A 95 3.05 0.31 -1.99
C PHE A 95 1.78 0.04 -2.79
N PHE A 96 1.32 1.07 -3.52
CA PHE A 96 0.17 0.89 -4.39
C PHE A 96 0.46 -0.14 -5.47
N LEU A 97 1.70 -0.15 -5.98
CA LEU A 97 2.10 -1.12 -7.00
C LEU A 97 1.98 -2.55 -6.48
N GLU A 98 2.53 -2.81 -5.29
CA GLU A 98 2.44 -4.14 -4.71
C GLU A 98 1.00 -4.56 -4.52
N ILE A 99 0.19 -3.67 -3.93
CA ILE A 99 -1.21 -4.01 -3.69
C ILE A 99 -1.92 -4.31 -5.01
N ILE A 100 -1.62 -3.52 -6.04
CA ILE A 100 -2.30 -3.68 -7.32
C ILE A 100 -1.87 -4.96 -8.00
N ILE A 101 -0.57 -5.30 -7.91
CA ILE A 101 -0.12 -6.59 -8.45
C ILE A 101 -0.92 -7.71 -7.81
N GLY A 102 -1.04 -7.68 -6.49
CA GLY A 102 -1.75 -8.73 -5.79
C GLY A 102 -3.20 -8.80 -6.21
N GLN A 103 -3.87 -7.64 -6.24
CA GLN A 103 -5.29 -7.62 -6.58
C GLN A 103 -5.54 -8.01 -8.03
N TYR A 104 -4.66 -7.61 -8.94
CA TYR A 104 -4.82 -7.95 -10.35
C TYR A 104 -4.67 -9.45 -10.58
N THR A 105 -3.61 -10.05 -10.04
CA THR A 105 -3.34 -11.44 -10.34
C THR A 105 -4.11 -12.41 -9.44
N SER A 106 -4.55 -11.97 -8.28
CA SER A 106 -5.15 -12.87 -7.29
C SER A 106 -4.21 -14.03 -6.97
N GLU A 107 -2.91 -13.77 -7.09
CA GLU A 107 -1.86 -14.73 -6.78
C GLU A 107 -0.98 -14.17 -5.67
N GLY A 108 -0.42 -15.08 -4.87
CA GLY A 108 0.26 -14.69 -3.64
C GLY A 108 1.76 -14.56 -3.71
N GLY A 109 2.26 -13.34 -3.87
CA GLY A 109 3.66 -13.03 -3.63
C GLY A 109 4.63 -13.56 -4.66
N ILE A 110 4.69 -14.88 -4.82
CA ILE A 110 5.61 -15.48 -5.79
C ILE A 110 4.94 -15.69 -7.14
N THR A 111 3.69 -16.12 -7.13
CA THR A 111 3.03 -16.61 -8.35
C THR A 111 2.46 -15.48 -9.20
N CYS A 112 2.27 -14.29 -8.64
CA CYS A 112 1.69 -13.20 -9.43
C CYS A 112 2.57 -12.83 -10.60
N TRP A 113 3.88 -12.97 -10.46
CA TRP A 113 4.78 -12.60 -11.54
C TRP A 113 4.64 -13.54 -12.74
N GLU A 114 4.08 -14.74 -12.53
CA GLU A 114 3.78 -15.60 -13.65
C GLU A 114 2.70 -15.02 -14.56
N LYS A 115 1.87 -14.12 -14.04
CA LYS A 115 0.82 -13.48 -14.82
C LYS A 115 1.21 -12.09 -15.30
N ILE A 116 2.45 -11.66 -15.04
CA ILE A 116 2.87 -10.31 -15.42
C ILE A 116 4.14 -10.41 -16.28
N CYS A 117 5.16 -11.09 -15.77
CA CYS A 117 6.41 -11.26 -16.51
C CYS A 117 7.15 -12.48 -16.00
N PRO A 118 6.88 -13.67 -16.53
CA PRO A 118 7.52 -14.88 -16.01
C PRO A 118 9.04 -14.80 -15.93
N LEU A 119 9.67 -14.13 -16.90
CA LEU A 119 11.13 -14.05 -16.90
C LEU A 119 11.67 -13.56 -15.57
N PHE A 120 11.04 -12.52 -15.00
CA PHE A 120 11.48 -11.92 -13.75
C PHE A 120 10.76 -12.48 -12.53
N SER A 121 10.38 -13.77 -12.57
CA SER A 121 9.76 -14.39 -11.41
C SER A 121 10.67 -14.37 -10.18
N GLY A 122 11.98 -14.19 -10.36
CA GLY A 122 12.89 -14.16 -9.23
C GLY A 122 12.58 -13.08 -8.22
N ILE A 123 11.85 -12.04 -8.63
CA ILE A 123 11.45 -11.00 -7.70
C ILE A 123 10.63 -11.58 -6.55
N GLY A 124 9.74 -12.52 -6.86
CA GLY A 124 8.90 -13.10 -5.81
C GLY A 124 9.71 -13.91 -4.81
N TYR A 125 10.64 -14.72 -5.29
CA TYR A 125 11.49 -15.49 -4.39
C TYR A 125 12.36 -14.58 -3.53
N ALA A 126 12.91 -13.52 -4.12
CA ALA A 126 13.67 -12.56 -3.35
C ALA A 126 12.81 -11.96 -2.25
N SER A 127 11.57 -11.57 -2.59
CA SER A 127 10.66 -11.01 -1.59
C SER A 127 10.40 -12.00 -0.47
N VAL A 128 10.13 -13.25 -0.82
CA VAL A 128 9.76 -14.25 0.19
C VAL A 128 10.94 -14.55 1.10
N VAL A 129 12.16 -14.59 0.56
CA VAL A 129 13.31 -14.83 1.44
C VAL A 129 13.58 -13.61 2.32
N ILE A 130 13.29 -12.41 1.80
CA ILE A 130 13.38 -11.22 2.65
C ILE A 130 12.44 -11.34 3.83
N VAL A 131 11.21 -11.78 3.58
CA VAL A 131 10.26 -11.96 4.68
C VAL A 131 10.73 -13.08 5.60
N SER A 132 11.34 -14.13 5.04
CA SER A 132 11.83 -15.23 5.86
C SER A 132 12.85 -14.74 6.87
N LEU A 133 13.77 -13.87 6.45
CA LEU A 133 14.77 -13.34 7.37
C LEU A 133 14.18 -12.30 8.32
N LEU A 134 13.26 -11.47 7.82
CA LEU A 134 12.61 -10.47 8.67
C LEU A 134 11.85 -11.15 9.80
N ASN A 135 11.11 -12.21 9.49
CA ASN A 135 10.36 -12.90 10.54
C ASN A 135 11.29 -13.54 11.55
N VAL A 136 12.51 -13.90 11.12
CA VAL A 136 13.47 -14.47 12.04
C VAL A 136 13.93 -13.43 13.04
N TYR A 137 14.30 -12.24 12.56
CA TYR A 137 14.94 -11.29 13.48
C TYR A 137 13.96 -10.31 14.13
N TYR A 138 12.82 -10.06 13.50
CA TYR A 138 11.87 -9.07 13.99
C TYR A 138 11.26 -9.47 15.33
N ILE A 139 11.02 -10.77 15.53
CA ILE A 139 10.35 -11.25 16.74
C ILE A 139 11.26 -11.18 17.96
N VAL A 140 12.57 -10.99 17.78
CA VAL A 140 13.44 -10.84 18.93
C VAL A 140 13.13 -9.54 19.66
N ILE A 141 12.66 -8.53 18.94
CA ILE A 141 12.22 -7.30 19.60
C ILE A 141 11.04 -7.60 20.51
N LEU A 142 10.13 -8.48 20.07
CA LEU A 142 9.02 -8.87 20.92
C LEU A 142 9.50 -9.71 22.10
N ALA A 143 10.57 -10.48 21.92
CA ALA A 143 11.17 -11.18 23.06
C ALA A 143 11.66 -10.19 24.10
N TRP A 144 12.35 -9.14 23.67
CA TRP A 144 12.79 -8.11 24.61
C TRP A 144 11.60 -7.42 25.27
N ALA A 145 10.56 -7.14 24.49
CA ALA A 145 9.37 -6.50 25.04
C ALA A 145 8.72 -7.38 26.10
N THR A 146 8.64 -8.69 25.84
CA THR A 146 8.09 -9.62 26.81
C THR A 146 8.91 -9.63 28.09
N TYR A 147 10.24 -9.64 27.96
CA TYR A 147 11.09 -9.63 29.15
C TYR A 147 10.88 -8.36 29.96
N TYR A 148 10.82 -7.21 29.28
CA TYR A 148 10.57 -5.95 29.98
C TYR A 148 9.22 -5.98 30.68
N LEU A 149 8.20 -6.52 30.01
CA LEU A 149 6.87 -6.56 30.59
C LEU A 149 6.86 -7.40 31.86
N PHE A 150 7.47 -8.59 31.81
CA PHE A 150 7.54 -9.40 33.02
C PHE A 150 8.36 -8.72 34.11
N GLN A 151 9.35 -7.91 33.73
CA GLN A 151 10.07 -7.14 34.74
C GLN A 151 9.26 -5.95 35.25
N SER A 152 8.16 -5.59 34.58
CA SER A 152 7.33 -4.48 35.05
C SER A 152 6.57 -4.84 36.32
N PHE A 153 6.38 -6.13 36.61
CA PHE A 153 5.55 -6.55 37.73
C PHE A 153 6.28 -6.41 39.06
N GLN A 154 6.63 -5.17 39.44
CA GLN A 154 7.37 -4.93 40.67
C GLN A 154 6.86 -3.67 41.34
N LYS A 155 7.15 -3.56 42.64
CA LYS A 155 6.83 -2.33 43.36
C LYS A 155 7.62 -1.15 42.82
N GLU A 156 8.87 -1.38 42.40
CA GLU A 156 9.70 -0.36 41.78
C GLU A 156 10.36 -0.95 40.55
N LEU A 157 10.38 -0.18 39.47
CA LEU A 157 10.91 -0.68 38.22
C LEU A 157 12.43 -0.86 38.33
N PRO A 158 12.99 -1.93 37.76
CA PRO A 158 14.41 -2.21 37.95
C PRO A 158 15.34 -1.21 37.27
N TRP A 159 14.86 -0.41 36.33
CA TRP A 159 15.70 0.56 35.65
C TRP A 159 15.63 1.95 36.28
N ALA A 160 14.88 2.12 37.37
CA ALA A 160 14.74 3.43 37.99
C ALA A 160 15.94 3.82 38.85
N HIS A 161 16.71 2.86 39.34
CA HIS A 161 17.85 3.14 40.21
C HIS A 161 18.81 1.95 40.13
N CYS A 162 19.98 2.12 40.72
CA CYS A 162 21.01 1.08 40.64
C CYS A 162 21.51 0.68 42.03
N ASN A 163 20.59 0.35 42.92
CA ASN A 163 20.95 -0.49 44.06
C ASN A 163 21.07 -1.96 43.67
N HIS A 164 20.69 -2.32 42.44
CA HIS A 164 20.59 -3.69 41.99
C HIS A 164 21.95 -4.26 41.64
N SER A 165 22.01 -5.59 41.53
CA SER A 165 23.30 -6.29 41.47
C SER A 165 24.04 -6.09 40.16
N TRP A 166 23.33 -6.00 39.03
CA TRP A 166 23.98 -6.00 37.73
C TRP A 166 24.74 -4.72 37.43
N ASN A 167 24.58 -3.70 38.26
CA ASN A 167 25.02 -2.35 37.92
C ASN A 167 26.53 -2.16 38.16
N THR A 168 27.17 -1.44 37.24
CA THR A 168 28.59 -1.16 37.34
C THR A 168 28.87 -0.28 38.55
N PRO A 169 30.07 -0.38 39.13
CA PRO A 169 30.45 0.61 40.15
C PRO A 169 30.40 2.03 39.63
N HIS A 170 30.51 2.22 38.32
CA HIS A 170 30.44 3.55 37.71
C HIS A 170 29.00 4.04 37.51
N CYS A 171 28.02 3.40 38.12
CA CYS A 171 26.65 3.88 37.99
C CYS A 171 26.50 5.23 38.67
N MET A 172 25.73 6.12 38.03
CA MET A 172 25.30 7.37 38.63
C MET A 172 23.82 7.54 38.31
N GLU A 173 23.01 7.67 39.35
CA GLU A 173 21.57 7.86 39.15
C GLU A 173 21.36 9.19 38.44
N ASP A 174 20.51 9.18 37.40
CA ASP A 174 20.50 10.28 36.44
C ASP A 174 20.24 11.63 37.08
N THR A 175 19.59 11.67 38.24
CA THR A 175 19.31 12.95 38.86
C THR A 175 20.58 13.62 39.36
N MET A 176 21.52 12.83 39.89
CA MET A 176 22.70 13.38 40.54
C MET A 176 23.87 13.63 39.59
N ARG A 177 23.79 13.16 38.34
CA ARG A 177 24.94 13.25 37.46
C ARG A 177 25.39 14.70 37.25
N LYS A 178 24.45 15.64 37.25
CA LYS A 178 24.79 17.04 37.00
C LYS A 178 25.65 17.65 38.10
N ASN A 179 25.75 17.00 39.26
CA ASN A 179 26.55 17.51 40.36
C ASN A 179 28.03 17.22 40.13
N THR A 189 33.95 11.63 35.43
CA THR A 189 34.29 10.26 35.10
C THR A 189 33.26 9.67 34.13
N ASN A 190 33.52 8.43 33.69
CA ASN A 190 32.67 7.76 32.71
C ASN A 190 31.48 7.08 33.39
N PHE A 191 30.65 7.90 34.03
CA PHE A 191 29.45 7.39 34.67
C PHE A 191 28.47 6.84 33.64
N THR A 192 27.69 5.85 34.07
CA THR A 192 26.66 5.22 33.23
C THR A 192 25.30 5.36 33.89
N SER A 193 24.27 5.53 33.07
CA SER A 193 22.91 5.69 33.59
C SER A 193 22.29 4.33 33.90
N PRO A 194 21.50 4.22 34.99
CA PRO A 194 20.85 2.94 35.28
C PRO A 194 19.90 2.48 34.19
N VAL A 195 19.25 3.40 33.47
CA VAL A 195 18.35 3.01 32.41
C VAL A 195 19.12 2.34 31.27
N ILE A 196 20.33 2.84 31.00
CA ILE A 196 21.13 2.27 29.91
C ILE A 196 21.73 0.93 30.32
N GLU A 197 22.23 0.82 31.54
CA GLU A 197 22.90 -0.42 31.93
C GLU A 197 21.94 -1.50 32.39
N PHE A 198 20.68 -1.17 32.72
CA PHE A 198 19.69 -2.24 32.78
C PHE A 198 19.61 -2.93 31.43
N TRP A 199 19.38 -2.14 30.37
CA TRP A 199 19.35 -2.65 29.01
C TRP A 199 20.58 -3.50 28.72
N GLU A 200 21.77 -2.95 29.00
CA GLU A 200 23.00 -3.63 28.59
C GLU A 200 23.29 -4.88 29.42
N ARG A 201 23.14 -4.80 30.75
CA ARG A 201 23.70 -5.80 31.64
C ARG A 201 22.69 -6.76 32.26
N ASN A 202 21.40 -6.40 32.30
CA ASN A 202 20.35 -7.31 32.76
C ASN A 202 19.59 -7.93 31.59
N VAL A 203 18.99 -7.08 30.76
CA VAL A 203 18.21 -7.58 29.62
C VAL A 203 19.14 -8.18 28.58
N LEU A 204 20.08 -7.38 28.09
CA LEU A 204 20.91 -7.78 26.97
C LEU A 204 22.14 -8.59 27.40
N SER A 205 22.64 -8.37 28.61
CA SER A 205 23.84 -9.05 29.08
C SER A 205 24.94 -8.99 28.02
N LEU A 206 25.19 -7.78 27.53
CA LEU A 206 25.90 -7.58 26.28
C LEU A 206 27.34 -8.11 26.35
N SER A 207 27.66 -9.03 25.45
CA SER A 207 29.01 -9.55 25.29
C SER A 207 29.93 -8.47 24.71
N PRO A 208 31.24 -8.61 24.89
CA PRO A 208 32.18 -7.62 24.33
C PRO A 208 32.24 -7.60 22.81
N GLY A 209 31.67 -8.58 22.12
CA GLY A 209 31.70 -8.56 20.68
C GLY A 209 31.03 -9.77 20.09
N ILE A 210 30.82 -9.70 18.76
CA ILE A 210 30.19 -10.81 18.05
C ILE A 210 31.07 -12.05 18.09
N ASP A 211 32.39 -11.87 18.23
CA ASP A 211 33.31 -12.99 18.35
C ASP A 211 33.18 -13.72 19.68
N HIS A 212 32.35 -13.23 20.60
CA HIS A 212 32.17 -13.84 21.91
C HIS A 212 30.69 -14.11 22.13
N PRO A 213 30.16 -15.17 21.52
CA PRO A 213 28.74 -15.50 21.72
C PRO A 213 28.32 -15.54 23.17
N GLY A 214 29.18 -16.05 24.06
CA GLY A 214 28.79 -16.19 25.45
C GLY A 214 27.72 -17.25 25.63
N SER A 215 27.02 -17.17 26.76
CA SER A 215 25.99 -18.15 27.08
C SER A 215 24.70 -17.84 26.35
N LEU A 216 23.72 -18.72 26.50
CA LEU A 216 22.37 -18.52 25.98
C LEU A 216 21.48 -18.06 27.13
N LYS A 217 20.80 -16.93 26.93
CA LYS A 217 19.95 -16.35 27.97
C LYS A 217 18.71 -17.22 28.11
N TRP A 218 18.69 -18.05 29.17
CA TRP A 218 17.61 -19.02 29.34
C TRP A 218 16.25 -18.36 29.49
N ASP A 219 16.20 -17.09 29.90
CA ASP A 219 14.92 -16.41 30.04
C ASP A 219 14.44 -15.83 28.72
N LEU A 220 15.35 -15.19 27.97
CA LEU A 220 14.96 -14.64 26.68
C LEU A 220 14.61 -15.77 25.70
N ALA A 221 15.20 -16.95 25.89
CA ALA A 221 14.80 -18.10 25.09
C ALA A 221 13.33 -18.44 25.30
N LEU A 222 12.87 -18.43 26.55
CA LEU A 222 11.46 -18.72 26.80
C LEU A 222 10.56 -17.55 26.41
N CYS A 223 11.08 -16.32 26.42
CA CYS A 223 10.31 -15.21 25.86
C CYS A 223 10.07 -15.40 24.36
N LEU A 224 11.13 -15.78 23.64
CA LEU A 224 10.98 -16.10 22.22
C LEU A 224 10.01 -17.24 22.02
N LEU A 225 10.11 -18.27 22.87
CA LEU A 225 9.19 -19.40 22.76
C LEU A 225 7.74 -18.96 22.96
N LEU A 226 7.51 -18.09 23.95
CA LEU A 226 6.15 -17.62 24.21
C LEU A 226 5.60 -16.86 23.01
N VAL A 227 6.38 -15.91 22.47
CA VAL A 227 5.84 -15.12 21.37
C VAL A 227 5.65 -15.97 20.12
N TRP A 228 6.52 -16.95 19.89
CA TRP A 228 6.31 -17.84 18.75
C TRP A 228 5.09 -18.74 18.96
N LEU A 229 4.82 -19.16 20.19
CA LEU A 229 3.58 -19.88 20.45
C LEU A 229 2.37 -19.01 20.15
N VAL A 230 2.42 -17.74 20.54
CA VAL A 230 1.32 -16.84 20.23
C VAL A 230 1.12 -16.74 18.72
N CYS A 231 2.22 -16.58 17.97
CA CYS A 231 2.11 -16.49 16.52
C CYS A 231 1.53 -17.77 15.94
N PHE A 232 1.99 -18.94 16.42
CA PHE A 232 1.49 -20.21 15.93
C PHE A 232 0.00 -20.33 16.14
N PHE A 233 -0.47 -20.08 17.35
CA PHE A 233 -1.89 -20.26 17.62
C PHE A 233 -2.74 -19.20 16.93
N CYS A 234 -2.21 -17.99 16.71
CA CYS A 234 -2.99 -16.99 15.98
C CYS A 234 -3.10 -17.34 14.50
N ILE A 235 -1.98 -17.71 13.87
CA ILE A 235 -2.01 -18.00 12.44
C ILE A 235 -2.71 -19.32 12.17
N TRP A 236 -2.59 -20.27 13.09
CA TRP A 236 -3.21 -21.59 12.94
C TRP A 236 -4.72 -21.51 13.02
N LYS A 237 -5.25 -20.95 14.12
CA LYS A 237 -6.69 -20.89 14.31
C LYS A 237 -7.33 -19.68 13.65
N GLY A 238 -6.55 -18.71 13.20
CA GLY A 238 -7.10 -17.47 12.68
C GLY A 238 -7.59 -16.51 13.74
N VAL A 239 -7.23 -16.73 15.01
CA VAL A 239 -7.69 -15.89 16.11
C VAL A 239 -7.04 -14.52 16.04
N ARG A 240 -7.55 -13.60 16.85
CA ARG A 240 -7.00 -12.24 16.95
C ARG A 240 -7.14 -11.47 15.64
N SER A 241 -8.22 -11.74 14.89
CA SER A 241 -8.49 -10.99 13.68
C SER A 241 -9.98 -11.05 13.36
N THR A 242 -10.48 -9.97 12.77
CA THR A 242 -11.82 -9.91 12.23
C THR A 242 -12.89 -9.81 13.31
N GLY A 243 -12.51 -9.95 14.58
CA GLY A 243 -13.46 -9.80 15.66
C GLY A 243 -13.65 -8.35 16.08
N LYS A 244 -14.69 -8.13 16.87
CA LYS A 244 -14.92 -6.82 17.47
C LYS A 244 -13.82 -6.46 18.47
N VAL A 245 -13.11 -7.46 19.00
CA VAL A 245 -11.99 -7.18 19.89
C VAL A 245 -10.92 -6.36 19.17
N VAL A 246 -10.93 -6.40 17.84
CA VAL A 246 -10.01 -5.56 17.10
C VAL A 246 -10.30 -4.10 17.32
N TYR A 247 -11.52 -3.74 17.77
CA TYR A 247 -11.76 -2.35 18.13
C TYR A 247 -10.79 -1.88 19.20
N PHE A 248 -10.51 -2.71 20.20
CA PHE A 248 -9.47 -2.40 21.17
C PHE A 248 -8.09 -2.56 20.57
N THR A 249 -7.86 -3.69 19.90
CA THR A 249 -6.49 -4.00 19.47
C THR A 249 -5.95 -2.93 18.52
N ALA A 250 -6.80 -2.34 17.68
CA ALA A 250 -6.37 -1.38 16.69
C ALA A 250 -6.29 0.05 17.23
N THR A 251 -6.92 0.33 18.37
CA THR A 251 -7.00 1.68 18.91
C THR A 251 -6.09 1.93 20.10
N PHE A 252 -5.95 0.96 21.01
CA PHE A 252 -5.15 1.19 22.21
C PHE A 252 -3.73 1.63 21.92
N PRO A 253 -3.00 1.04 20.97
CA PRO A 253 -1.61 1.46 20.74
C PRO A 253 -1.45 2.94 20.44
N PHE A 254 -2.34 3.51 19.62
CA PHE A 254 -2.26 4.93 19.34
C PHE A 254 -2.59 5.77 20.57
N ALA A 255 -3.51 5.27 21.42
CA ALA A 255 -3.77 5.96 22.68
C ALA A 255 -2.51 6.04 23.54
N MET A 256 -1.78 4.93 23.65
CA MET A 256 -0.57 4.96 24.45
C MET A 256 0.51 5.82 23.79
N LEU A 257 0.57 5.82 22.46
CA LEU A 257 1.50 6.71 21.79
C LEU A 257 1.17 8.17 22.07
N LEU A 258 -0.11 8.52 22.12
CA LEU A 258 -0.50 9.88 22.49
C LEU A 258 -0.08 10.19 23.92
N VAL A 259 -0.26 9.22 24.83
CA VAL A 259 0.16 9.45 26.22
C VAL A 259 1.65 9.72 26.28
N LEU A 260 2.44 8.91 25.57
CA LEU A 260 3.89 9.09 25.59
C LEU A 260 4.28 10.42 24.96
N LEU A 261 3.60 10.82 23.88
CA LEU A 261 3.90 12.09 23.25
C LEU A 261 3.61 13.26 24.18
N VAL A 262 2.49 13.19 24.90
CA VAL A 262 2.14 14.26 25.82
C VAL A 262 3.12 14.30 26.99
N ARG A 263 3.59 13.15 27.46
CA ARG A 263 4.66 13.13 28.45
C ARG A 263 5.92 13.79 27.91
N GLY A 264 6.37 13.37 26.73
CA GLY A 264 7.60 13.87 26.16
C GLY A 264 7.60 15.37 25.96
N LEU A 265 6.55 15.90 25.33
CA LEU A 265 6.54 17.31 24.98
C LEU A 265 6.50 18.21 26.21
N THR A 266 6.11 17.68 27.37
CA THR A 266 6.03 18.47 28.59
C THR A 266 7.27 18.33 29.48
N LEU A 267 8.21 17.46 29.11
CA LEU A 267 9.41 17.32 29.91
C LEU A 267 10.32 18.54 29.72
N PRO A 268 11.00 18.98 30.76
CA PRO A 268 11.93 20.12 30.59
C PRO A 268 13.08 19.74 29.67
N GLY A 269 13.36 20.63 28.72
CA GLY A 269 14.38 20.38 27.73
C GLY A 269 13.91 19.72 26.45
N ALA A 270 12.58 19.57 26.27
CA ALA A 270 12.07 18.94 25.06
C ALA A 270 12.44 19.73 23.82
N GLY A 271 12.42 21.07 23.92
CA GLY A 271 12.66 21.89 22.75
C GLY A 271 14.02 21.68 22.13
N ALA A 272 15.04 21.41 22.97
CA ALA A 272 16.35 21.11 22.43
C ALA A 272 16.33 19.81 21.61
N GLY A 273 15.60 18.81 22.11
CA GLY A 273 15.46 17.58 21.36
C GLY A 273 14.73 17.79 20.04
N ILE A 274 13.69 18.63 20.06
CA ILE A 274 12.96 18.88 18.81
C ILE A 274 13.82 19.65 17.82
N LYS A 275 14.62 20.60 18.30
CA LYS A 275 15.57 21.29 17.41
C LYS A 275 16.56 20.31 16.81
N PHE A 276 17.09 19.39 17.63
CA PHE A 276 17.94 18.34 17.10
C PHE A 276 17.19 17.52 16.05
N TYR A 277 15.91 17.28 16.28
CA TYR A 277 15.10 16.42 15.42
C TYR A 277 14.82 17.06 14.06
N LEU A 278 14.62 18.37 14.02
CA LEU A 278 14.07 19.01 12.83
C LEU A 278 15.06 19.88 12.05
N TYR A 279 16.15 20.31 12.67
CA TYR A 279 17.12 21.18 12.00
C TYR A 279 18.11 20.32 11.24
N PRO A 280 18.21 20.45 9.92
CA PRO A 280 19.14 19.62 9.15
C PRO A 280 20.55 20.14 8.91
N ASP A 281 21.54 19.30 9.24
CA ASP A 281 22.91 19.65 8.94
C ASP A 281 23.07 19.14 7.57
N ILE A 282 23.21 20.02 6.59
CA ILE A 282 23.29 19.59 5.20
C ILE A 282 24.58 18.83 4.94
N THR A 283 25.58 19.03 5.79
CA THR A 283 26.88 18.38 5.58
C THR A 283 26.77 16.87 5.61
N ARG A 284 25.99 16.33 6.54
CA ARG A 284 25.86 14.89 6.67
C ARG A 284 25.35 14.26 5.39
N LEU A 285 24.36 14.90 4.76
CA LEU A 285 23.76 14.35 3.54
C LEU A 285 24.81 13.94 2.52
N GLU A 286 25.98 14.55 2.60
CA GLU A 286 27.06 14.19 1.69
C GLU A 286 27.39 12.72 1.86
N ASP A 287 27.04 12.17 3.02
CA ASP A 287 27.30 10.76 3.28
C ASP A 287 26.17 9.87 2.78
N PRO A 288 26.50 8.85 1.99
CA PRO A 288 25.50 7.89 1.51
C PRO A 288 24.72 7.20 2.62
N GLN A 289 25.26 7.20 3.85
CA GLN A 289 24.61 6.47 4.94
C GLN A 289 23.22 7.00 5.21
N VAL A 290 23.06 8.33 5.29
CA VAL A 290 21.75 8.88 5.58
C VAL A 290 20.76 8.56 4.46
N TRP A 291 21.23 8.59 3.21
CA TRP A 291 20.33 8.34 2.09
C TRP A 291 19.84 6.90 2.08
N ILE A 292 20.75 5.94 2.21
CA ILE A 292 20.29 4.54 2.24
C ILE A 292 19.42 4.32 3.48
N ASP A 293 19.82 4.84 4.63
CA ASP A 293 19.05 4.61 5.84
C ASP A 293 17.62 5.11 5.65
N ALA A 294 17.45 6.33 5.15
CA ALA A 294 16.11 6.91 5.01
C ALA A 294 15.30 6.19 3.95
N GLY A 295 15.87 5.97 2.76
CA GLY A 295 15.10 5.34 1.70
C GLY A 295 14.69 3.92 2.03
N THR A 296 15.62 3.13 2.56
CA THR A 296 15.26 1.77 2.94
C THR A 296 14.47 1.73 4.24
N GLN A 297 14.49 2.79 5.03
CA GLN A 297 13.53 2.91 6.12
C GLN A 297 12.12 3.11 5.58
N ILE A 298 11.99 3.90 4.50
CA ILE A 298 10.69 4.00 3.83
C ILE A 298 10.24 2.63 3.34
N PHE A 299 11.13 1.92 2.64
CA PHE A 299 10.75 0.61 2.12
C PHE A 299 10.45 -0.39 3.23
N PHE A 300 11.21 -0.34 4.34
CA PHE A 300 10.93 -1.20 5.48
C PHE A 300 9.58 -0.88 6.11
N SER A 301 9.34 0.40 6.41
CA SER A 301 8.15 0.79 7.14
C SER A 301 6.88 0.45 6.36
N TYR A 302 6.94 0.46 5.04
CA TYR A 302 5.77 0.19 4.21
C TYR A 302 5.64 -1.28 3.84
N ALA A 303 6.53 -2.14 4.34
CA ALA A 303 6.42 -3.58 4.17
C ALA A 303 6.42 -3.97 2.68
N ILE A 304 7.07 -3.17 1.85
CA ILE A 304 7.18 -3.47 0.44
C ILE A 304 8.51 -4.17 0.19
N CYS A 305 8.60 -4.86 -0.95
CA CYS A 305 9.66 -5.79 -1.30
C CYS A 305 9.56 -7.07 -0.48
N LEU A 306 8.57 -7.19 0.39
CA LEU A 306 8.31 -8.44 1.11
C LEU A 306 7.35 -9.34 0.37
N GLY A 307 6.53 -8.78 -0.52
CA GLY A 307 5.41 -9.51 -1.09
C GLY A 307 4.26 -9.74 -0.14
N ALA A 308 4.36 -9.24 1.09
CA ALA A 308 3.26 -9.38 2.04
C ALA A 308 2.08 -8.50 1.65
N MET A 309 2.35 -7.26 1.24
CA MET A 309 1.27 -6.40 0.77
C MET A 309 0.65 -6.95 -0.50
N THR A 310 1.49 -7.52 -1.38
CA THR A 310 0.95 -8.20 -2.55
C THR A 310 0.07 -9.37 -2.14
N SER A 311 0.48 -10.11 -1.11
CA SER A 311 -0.32 -11.22 -0.62
C SER A 311 -1.67 -10.73 -0.11
N LEU A 312 -1.68 -9.64 0.66
CA LEU A 312 -2.94 -9.10 1.13
C LEU A 312 -3.82 -8.65 -0.03
N GLY A 313 -3.22 -8.02 -1.03
CA GLY A 313 -3.99 -7.57 -2.18
C GLY A 313 -4.67 -8.70 -2.93
N SER A 314 -4.04 -9.87 -2.96
CA SER A 314 -4.59 -11.00 -3.70
C SER A 314 -5.95 -11.43 -3.17
N TYR A 315 -6.25 -11.12 -1.91
CA TYR A 315 -7.56 -11.46 -1.34
C TYR A 315 -8.62 -10.41 -1.66
N ASN A 316 -8.25 -9.25 -2.18
CA ASN A 316 -9.21 -8.20 -2.48
C ASN A 316 -9.91 -8.46 -3.80
N LYS A 317 -11.17 -8.01 -3.87
CA LYS A 317 -11.97 -8.21 -5.07
C LYS A 317 -11.35 -7.46 -6.25
N TYR A 318 -11.55 -8.02 -7.45
CA TYR A 318 -10.89 -7.50 -8.64
C TYR A 318 -11.32 -6.06 -8.93
N HIS A 319 -12.60 -5.76 -8.78
CA HIS A 319 -13.15 -4.46 -9.14
C HIS A 319 -13.17 -3.46 -7.98
N ASN A 320 -12.53 -3.79 -6.86
CA ASN A 320 -12.50 -2.89 -5.70
C ASN A 320 -11.55 -1.73 -5.96
N ASN A 321 -12.02 -0.52 -5.72
CA ASN A 321 -11.22 0.70 -5.85
C ASN A 321 -10.38 0.88 -4.59
N VAL A 322 -9.08 0.61 -4.70
CA VAL A 322 -8.19 0.59 -3.54
C VAL A 322 -7.36 1.86 -3.38
N TYR A 323 -7.33 2.72 -4.38
CA TYR A 323 -6.36 3.82 -4.40
C TYR A 323 -6.50 4.72 -3.16
N ARG A 324 -7.71 5.18 -2.88
CA ARG A 324 -7.92 6.08 -1.75
C ARG A 324 -7.56 5.41 -0.42
N ASP A 325 -7.93 4.14 -0.27
CA ASP A 325 -7.58 3.42 0.95
C ASP A 325 -6.07 3.33 1.12
N CYS A 326 -5.36 3.04 0.03
CA CYS A 326 -3.90 2.97 0.08
C CYS A 326 -3.30 4.31 0.50
N MET A 327 -3.80 5.41 -0.07
CA MET A 327 -3.26 6.72 0.30
C MET A 327 -3.54 7.04 1.76
N LEU A 328 -4.75 6.74 2.25
CA LEU A 328 -5.06 7.02 3.64
C LEU A 328 -4.18 6.18 4.58
N LEU A 329 -3.98 4.91 4.23
CA LEU A 329 -3.13 4.05 5.06
C LEU A 329 -1.68 4.52 5.07
N GLY A 330 -1.19 4.97 3.91
CA GLY A 330 0.16 5.54 3.87
C GLY A 330 0.27 6.78 4.72
N CYS A 331 -0.77 7.63 4.71
CA CYS A 331 -0.78 8.77 5.61
C CYS A 331 -0.70 8.31 7.07
N LEU A 332 -1.48 7.30 7.44
CA LEU A 332 -1.41 6.78 8.80
C LEU A 332 0.01 6.34 9.15
N ASN A 333 0.65 5.57 8.25
CA ASN A 333 1.95 4.99 8.54
C ASN A 333 3.02 6.07 8.72
N SER A 334 3.24 6.86 7.66
CA SER A 334 4.27 7.89 7.75
C SER A 334 3.95 8.91 8.83
N GLY A 335 2.67 9.17 9.07
CA GLY A 335 2.30 10.10 10.12
C GLY A 335 2.65 9.61 11.51
N THR A 336 2.36 8.33 11.80
CA THR A 336 2.72 7.84 13.12
C THR A 336 4.23 7.82 13.30
N SER A 337 4.98 7.49 12.24
CA SER A 337 6.43 7.54 12.34
C SER A 337 6.89 8.96 12.71
N PHE A 338 6.48 9.94 11.90
CA PHE A 338 6.93 11.31 12.13
C PHE A 338 6.49 11.83 13.49
N VAL A 339 5.27 11.48 13.91
CA VAL A 339 4.73 12.00 15.15
C VAL A 339 5.43 11.39 16.36
N SER A 340 5.64 10.07 16.35
CA SER A 340 6.37 9.44 17.45
C SER A 340 7.82 9.88 17.49
N GLY A 341 8.33 10.45 16.39
CA GLY A 341 9.60 11.15 16.48
C GLY A 341 9.60 12.22 17.55
N PHE A 342 8.50 12.98 17.65
CA PHE A 342 8.40 14.00 18.69
C PHE A 342 8.35 13.39 20.08
N ALA A 343 7.78 12.19 20.22
CA ALA A 343 7.78 11.51 21.51
C ALA A 343 9.19 11.14 21.92
N ILE A 344 9.93 10.50 21.03
CA ILE A 344 11.28 10.03 21.37
C ILE A 344 12.21 11.21 21.63
N PHE A 345 12.26 12.17 20.70
CA PHE A 345 13.32 13.16 20.78
C PHE A 345 13.07 14.19 21.88
N SER A 346 11.82 14.38 22.29
CA SER A 346 11.58 15.19 23.49
C SER A 346 12.22 14.54 24.71
N ILE A 347 12.09 13.23 24.83
CA ILE A 347 12.70 12.53 25.95
C ILE A 347 14.22 12.60 25.85
N LEU A 348 14.76 12.48 24.64
CA LEU A 348 16.20 12.60 24.48
C LEU A 348 16.70 13.99 24.88
N GLY A 349 15.97 15.03 24.50
CA GLY A 349 16.33 16.38 24.94
C GLY A 349 16.27 16.53 26.45
N PHE A 350 15.24 15.93 27.07
CA PHE A 350 15.14 15.96 28.52
C PHE A 350 16.33 15.28 29.17
N MET A 351 16.73 14.11 28.65
CA MET A 351 17.88 13.42 29.20
C MET A 351 19.16 14.23 29.02
N ALA A 352 19.33 14.86 27.86
CA ALA A 352 20.49 15.70 27.62
C ALA A 352 20.54 16.84 28.63
N GLN A 353 19.40 17.49 28.86
CA GLN A 353 19.36 18.60 29.81
C GLN A 353 19.63 18.11 31.23
N GLU A 354 19.12 16.93 31.59
CA GLU A 354 19.29 16.43 32.96
C GLU A 354 20.73 16.03 33.23
N GLN A 355 21.37 15.36 32.27
CA GLN A 355 22.69 14.80 32.49
C GLN A 355 23.82 15.74 32.10
N GLY A 356 23.56 16.77 31.30
CA GLY A 356 24.59 17.72 30.94
C GLY A 356 25.50 17.26 29.82
N VAL A 357 25.00 16.46 28.90
CA VAL A 357 25.75 16.00 27.74
C VAL A 357 24.97 16.29 26.48
N ASP A 358 25.67 16.35 25.35
CA ASP A 358 25.03 16.64 24.08
C ASP A 358 24.00 15.57 23.75
N ILE A 359 23.02 15.95 22.92
CA ILE A 359 21.91 15.05 22.62
C ILE A 359 22.42 13.78 21.97
N ALA A 360 23.45 13.87 21.14
CA ALA A 360 23.98 12.72 20.44
C ALA A 360 24.66 11.73 21.36
N ASP A 361 24.90 12.10 22.62
CA ASP A 361 25.63 11.24 23.55
C ASP A 361 24.74 10.53 24.56
N VAL A 362 23.47 10.92 24.67
CA VAL A 362 22.67 10.52 25.82
C VAL A 362 22.26 9.06 25.78
N ALA A 363 22.13 8.46 24.59
CA ALA A 363 21.54 7.13 24.47
C ALA A 363 22.29 6.35 23.40
N GLU A 364 21.83 5.13 23.16
CA GLU A 364 22.45 4.25 22.18
C GLU A 364 22.09 4.71 20.77
N SER A 365 23.11 4.83 19.91
CA SER A 365 22.88 5.06 18.49
C SER A 365 22.57 3.74 17.82
N GLY A 366 21.52 3.05 18.27
CA GLY A 366 21.24 1.71 17.79
C GLY A 366 19.89 1.18 18.25
N PRO A 367 19.68 -0.13 18.07
CA PRO A 367 18.34 -0.70 18.29
C PRO A 367 17.75 -0.45 19.68
N GLY A 368 18.61 -0.29 20.69
CA GLY A 368 18.13 -0.12 22.06
C GLY A 368 17.62 1.26 22.38
N LEU A 369 17.55 2.16 21.39
CA LEU A 369 17.14 3.53 21.67
C LEU A 369 15.75 3.58 22.27
N ALA A 370 14.81 2.78 21.75
CA ALA A 370 13.47 2.78 22.32
C ALA A 370 13.46 2.23 23.73
N PHE A 371 14.24 1.17 23.97
CA PHE A 371 14.32 0.51 25.28
C PHE A 371 15.17 1.30 26.26
N ILE A 372 15.73 2.42 25.83
CA ILE A 372 16.34 3.40 26.74
C ILE A 372 15.40 4.59 26.95
N ALA A 373 14.82 5.11 25.87
CA ALA A 373 14.02 6.32 25.95
C ALA A 373 12.69 6.09 26.66
N TYR A 374 11.85 5.19 26.13
CA TYR A 374 10.53 5.07 26.73
C TYR A 374 10.58 4.56 28.16
N PRO A 375 11.36 3.53 28.48
CA PRO A 375 11.57 3.19 29.90
C PRO A 375 11.88 4.40 30.77
N LYS A 376 12.70 5.34 30.28
CA LYS A 376 12.93 6.57 31.04
C LYS A 376 11.66 7.39 31.18
N ALA A 377 10.90 7.51 30.09
CA ALA A 377 9.68 8.33 30.12
C ALA A 377 8.67 7.79 31.12
N VAL A 378 8.45 6.47 31.12
CA VAL A 378 7.46 5.87 32.01
C VAL A 378 7.89 6.00 33.46
N THR A 379 9.19 6.20 33.72
CA THR A 379 9.65 6.48 35.06
C THR A 379 9.29 7.89 35.52
N MET A 380 8.90 8.77 34.59
CA MET A 380 8.55 10.15 34.90
C MET A 380 7.03 10.36 34.93
N MET A 381 6.27 9.34 35.27
CA MET A 381 4.81 9.41 35.32
C MET A 381 4.32 8.83 36.63
N PRO A 382 3.09 9.17 37.04
CA PRO A 382 2.58 8.67 38.32
C PRO A 382 2.36 7.16 38.26
N LEU A 383 2.76 6.48 39.33
CA LEU A 383 2.67 5.02 39.38
C LEU A 383 3.38 4.42 38.18
N PRO A 384 4.71 4.47 38.13
CA PRO A 384 5.43 4.03 36.93
C PRO A 384 5.11 2.62 36.48
N THR A 385 4.80 1.69 37.40
CA THR A 385 4.57 0.31 37.00
C THR A 385 3.38 0.18 36.06
N PHE A 386 2.31 0.93 36.34
CA PHE A 386 1.13 0.90 35.49
C PHE A 386 1.48 1.28 34.05
N TRP A 387 2.16 2.41 33.88
CA TRP A 387 2.51 2.85 32.53
C TRP A 387 3.56 1.97 31.90
N SER A 388 4.44 1.34 32.69
CA SER A 388 5.37 0.38 32.11
C SER A 388 4.62 -0.80 31.51
N ILE A 389 3.68 -1.35 32.27
CA ILE A 389 2.89 -2.48 31.76
C ILE A 389 2.13 -2.06 30.51
N LEU A 390 1.50 -0.88 30.53
CA LEU A 390 0.74 -0.44 29.37
C LEU A 390 1.65 -0.19 28.17
N PHE A 391 2.83 0.38 28.39
CA PHE A 391 3.75 0.63 27.28
C PHE A 391 4.16 -0.67 26.61
N PHE A 392 4.55 -1.67 27.41
CA PHE A 392 5.04 -2.89 26.79
C PHE A 392 3.90 -3.75 26.25
N ILE A 393 2.69 -3.64 26.80
CA ILE A 393 1.55 -4.28 26.16
C ILE A 393 1.24 -3.61 24.83
N MET A 394 1.32 -2.28 24.77
CA MET A 394 1.14 -1.57 23.51
C MET A 394 2.18 -2.04 22.49
N LEU A 395 3.45 -2.11 22.90
CA LEU A 395 4.52 -2.52 22.00
C LEU A 395 4.29 -3.95 21.53
N LEU A 396 3.89 -4.84 22.44
CA LEU A 396 3.66 -6.23 22.07
C LEU A 396 2.50 -6.34 21.09
N LEU A 397 1.38 -5.68 21.36
CA LEU A 397 0.23 -5.77 20.45
C LEU A 397 0.60 -5.20 19.09
N LEU A 398 1.24 -4.03 19.07
CA LEU A 398 1.54 -3.33 17.83
C LEU A 398 2.53 -4.11 16.99
N GLY A 399 3.49 -4.79 17.62
CA GLY A 399 4.43 -5.62 16.87
C GLY A 399 3.88 -6.99 16.52
N LEU A 400 3.05 -7.56 17.39
CA LEU A 400 2.52 -8.90 17.14
C LEU A 400 1.53 -8.89 15.98
N ASP A 401 0.82 -7.84 15.70
CA ASP A 401 -0.06 -7.96 14.56
C ASP A 401 0.74 -7.81 13.35
N SER A 402 1.76 -7.02 13.30
CA SER A 402 2.67 -6.92 12.16
C SER A 402 3.47 -8.16 11.99
N GLN A 403 3.69 -8.93 13.02
CA GLN A 403 4.30 -10.25 12.88
C GLN A 403 3.30 -11.25 12.32
N PHE A 404 2.05 -11.20 12.79
CA PHE A 404 1.01 -12.06 12.25
C PHE A 404 0.85 -11.83 10.76
N VAL A 405 0.76 -10.56 10.36
CA VAL A 405 0.54 -10.27 8.94
C VAL A 405 1.72 -10.75 8.11
N GLU A 406 2.95 -10.54 8.59
CA GLU A 406 4.11 -10.94 7.80
C GLU A 406 4.23 -12.45 7.69
N VAL A 407 4.00 -13.19 8.79
CA VAL A 407 4.08 -14.64 8.72
C VAL A 407 2.96 -15.20 7.87
N GLU A 408 1.76 -14.62 7.99
CA GLU A 408 0.64 -15.06 7.17
C GLU A 408 0.94 -14.82 5.68
N GLY A 409 1.52 -13.67 5.35
CA GLY A 409 1.89 -13.41 3.96
C GLY A 409 2.92 -14.41 3.46
N GLN A 410 3.94 -14.70 4.27
CA GLN A 410 4.94 -15.69 3.90
C GLN A 410 4.28 -17.03 3.60
N ILE A 411 3.38 -17.47 4.49
CA ILE A 411 2.77 -18.78 4.33
C ILE A 411 1.83 -18.81 3.12
N THR A 412 1.04 -17.76 2.91
CA THR A 412 0.15 -17.77 1.76
C THR A 412 0.94 -17.75 0.47
N SER A 413 2.07 -17.04 0.46
CA SER A 413 2.92 -17.04 -0.72
C SER A 413 3.54 -18.41 -0.97
N LEU A 414 3.89 -19.14 0.09
CA LEU A 414 4.55 -20.42 -0.09
C LEU A 414 3.56 -21.52 -0.47
N VAL A 415 2.38 -21.54 0.15
CA VAL A 415 1.40 -22.58 -0.17
C VAL A 415 0.84 -22.43 -1.58
N ASP A 416 0.90 -21.22 -2.14
CA ASP A 416 0.41 -21.01 -3.50
C ASP A 416 1.29 -21.69 -4.54
N LEU A 417 2.55 -21.99 -4.19
CA LEU A 417 3.43 -22.68 -5.13
C LEU A 417 3.01 -24.13 -5.34
N TYR A 418 2.56 -24.80 -4.27
CA TYR A 418 2.22 -26.22 -4.32
C TYR A 418 0.90 -26.44 -3.60
N PRO A 419 -0.22 -25.98 -4.18
CA PRO A 419 -1.52 -26.23 -3.56
C PRO A 419 -1.93 -27.70 -3.56
N SER A 420 -1.20 -28.58 -4.24
CA SER A 420 -1.53 -30.00 -4.17
C SER A 420 -1.35 -30.51 -2.75
N PHE A 421 -0.19 -30.28 -2.16
CA PHE A 421 0.00 -30.42 -0.73
C PHE A 421 -0.41 -29.11 -0.05
N LEU A 422 -0.22 -29.02 1.27
CA LEU A 422 -0.40 -27.77 2.00
C LEU A 422 -1.81 -27.21 1.80
N ARG A 423 -2.80 -28.11 1.66
CA ARG A 423 -4.12 -27.68 1.25
C ARG A 423 -4.94 -27.13 2.43
N LYS A 424 -4.94 -27.83 3.56
CA LYS A 424 -5.86 -27.50 4.64
C LYS A 424 -5.21 -27.88 5.97
N GLY A 425 -5.99 -27.75 7.04
CA GLY A 425 -5.48 -27.93 8.39
C GLY A 425 -4.83 -29.27 8.65
N TYR A 426 -5.11 -30.26 7.80
CA TYR A 426 -4.49 -31.57 8.00
C TYR A 426 -2.98 -31.52 7.82
N ARG A 427 -2.49 -30.64 6.93
CA ARG A 427 -1.05 -30.46 6.73
C ARG A 427 -0.61 -29.01 6.72
N ARG A 428 -1.50 -28.05 6.46
CA ARG A 428 -1.11 -26.64 6.50
C ARG A 428 -0.68 -26.23 7.90
N GLU A 429 -1.39 -26.73 8.92
CA GLU A 429 -0.98 -26.46 10.30
C GLU A 429 0.42 -27.01 10.57
N ILE A 430 0.72 -28.21 10.06
CA ILE A 430 2.04 -28.79 10.29
C ILE A 430 3.12 -27.98 9.56
N PHE A 431 2.81 -27.52 8.35
CA PHE A 431 3.77 -26.68 7.62
C PHE A 431 4.04 -25.39 8.36
N ILE A 432 2.98 -24.76 8.88
CA ILE A 432 3.15 -23.54 9.67
C ILE A 432 3.98 -23.83 10.91
N ALA A 433 3.73 -24.97 11.56
CA ALA A 433 4.49 -25.33 12.75
C ALA A 433 5.97 -25.50 12.41
N PHE A 434 6.27 -26.12 11.27
CA PHE A 434 7.66 -26.28 10.86
C PHE A 434 8.31 -24.92 10.62
N VAL A 435 7.59 -24.01 9.96
CA VAL A 435 8.15 -22.68 9.71
C VAL A 435 8.43 -21.98 11.03
N CYS A 436 7.48 -22.04 11.96
CA CYS A 436 7.66 -21.37 13.25
C CYS A 436 8.83 -21.97 14.03
N SER A 437 8.95 -23.30 14.03
CA SER A 437 10.04 -23.94 14.75
C SER A 437 11.39 -23.54 14.17
N ILE A 438 11.52 -23.56 12.84
CA ILE A 438 12.79 -23.17 12.22
C ILE A 438 13.11 -21.72 12.55
N SER A 439 12.12 -20.84 12.42
CA SER A 439 12.36 -19.43 12.70
C SER A 439 12.73 -19.22 14.16
N TYR A 440 12.18 -20.05 15.05
CA TYR A 440 12.56 -19.98 16.46
C TYR A 440 14.02 -20.35 16.65
N LEU A 441 14.46 -21.46 16.05
CA LEU A 441 15.85 -21.86 16.23
C LEU A 441 16.82 -20.85 15.63
N LEU A 442 16.46 -20.20 14.51
CA LEU A 442 17.35 -19.17 13.98
C LEU A 442 17.32 -17.91 14.84
N GLY A 443 16.15 -17.45 15.26
CA GLY A 443 16.10 -16.29 16.14
C GLY A 443 16.80 -16.54 17.46
N LEU A 444 16.91 -17.80 17.87
CA LEU A 444 17.56 -18.15 19.13
C LEU A 444 19.04 -17.79 19.14
N THR A 445 19.65 -17.60 17.98
CA THR A 445 21.05 -17.17 17.93
C THR A 445 21.21 -15.76 18.48
N MET A 446 20.18 -14.93 18.36
CA MET A 446 20.22 -13.55 18.83
C MET A 446 19.91 -13.43 20.31
N VAL A 447 19.61 -14.55 20.98
CA VAL A 447 19.35 -14.54 22.41
C VAL A 447 20.62 -14.83 23.21
N THR A 448 21.71 -15.22 22.55
CA THR A 448 22.99 -15.34 23.22
C THR A 448 23.49 -13.97 23.68
N GLU A 449 24.51 -13.99 24.52
CA GLU A 449 25.04 -12.74 25.06
C GLU A 449 25.59 -11.86 23.95
N GLY A 450 26.15 -12.46 22.89
CA GLY A 450 26.55 -11.74 21.70
C GLY A 450 25.42 -11.50 20.73
N GLY A 451 24.17 -11.73 21.16
CA GLY A 451 23.06 -11.68 20.23
C GLY A 451 22.75 -10.29 19.71
N MET A 452 23.13 -9.25 20.45
CA MET A 452 22.87 -7.89 19.99
C MET A 452 23.62 -7.59 18.69
N TYR A 453 24.86 -8.08 18.58
CA TYR A 453 25.63 -7.83 17.36
C TYR A 453 25.02 -8.57 16.17
N VAL A 454 24.57 -9.81 16.38
CA VAL A 454 23.92 -10.55 15.31
C VAL A 454 22.63 -9.86 14.91
N PHE A 455 21.86 -9.38 15.90
CA PHE A 455 20.62 -8.67 15.62
C PHE A 455 20.88 -7.40 14.82
N GLN A 456 21.91 -6.65 15.19
CA GLN A 456 22.23 -5.43 14.47
C GLN A 456 22.65 -5.74 13.04
N LEU A 457 23.43 -6.82 12.85
CA LEU A 457 23.83 -7.21 11.50
C LEU A 457 22.61 -7.59 10.66
N PHE A 458 21.70 -8.38 11.24
CA PHE A 458 20.46 -8.72 10.56
C PHE A 458 19.66 -7.47 10.20
N ASP A 459 19.46 -6.59 11.18
CA ASP A 459 18.64 -5.41 10.95
C ASP A 459 19.23 -4.52 9.87
N TYR A 460 20.56 -4.50 9.76
CA TYR A 460 21.20 -3.66 8.74
C TYR A 460 21.10 -4.30 7.36
N TYR A 461 21.41 -5.59 7.24
CA TYR A 461 21.60 -6.20 5.92
C TYR A 461 20.43 -7.08 5.46
N ALA A 462 19.84 -7.88 6.34
CA ALA A 462 19.00 -8.99 5.89
C ALA A 462 17.69 -8.54 5.27
N ALA A 463 17.05 -7.52 5.84
CA ALA A 463 15.77 -7.02 5.32
C ALA A 463 15.80 -5.50 5.27
N SER A 464 16.93 -4.94 4.85
CA SER A 464 17.14 -3.51 4.86
C SER A 464 18.32 -3.20 3.95
N GLY A 465 18.45 -1.92 3.59
CA GLY A 465 19.57 -1.54 2.76
C GLY A 465 19.39 -1.94 1.30
N VAL A 466 20.52 -2.32 0.68
CA VAL A 466 20.56 -2.50 -0.77
C VAL A 466 19.60 -3.58 -1.23
N CYS A 467 19.29 -4.56 -0.38
CA CYS A 467 18.42 -5.65 -0.84
C CYS A 467 17.00 -5.16 -1.09
N LEU A 468 16.57 -4.12 -0.38
CA LEU A 468 15.27 -3.53 -0.66
C LEU A 468 15.32 -2.65 -1.91
N LEU A 469 16.41 -1.89 -2.08
CA LEU A 469 16.57 -1.07 -3.27
C LEU A 469 16.54 -1.94 -4.52
N TRP A 470 17.19 -3.10 -4.46
CA TRP A 470 17.26 -4.02 -5.59
C TRP A 470 15.87 -4.44 -6.03
N VAL A 471 15.05 -4.92 -5.08
CA VAL A 471 13.73 -5.41 -5.40
C VAL A 471 12.81 -4.28 -5.86
N ALA A 472 12.90 -3.12 -5.21
CA ALA A 472 12.08 -1.99 -5.63
C ALA A 472 12.42 -1.58 -7.06
N PHE A 473 13.72 -1.49 -7.36
CA PHE A 473 14.13 -1.16 -8.72
C PHE A 473 13.57 -2.16 -9.72
N PHE A 474 13.71 -3.46 -9.44
CA PHE A 474 13.28 -4.43 -10.43
C PHE A 474 11.76 -4.49 -10.56
N GLU A 475 11.02 -4.30 -9.47
CA GLU A 475 9.57 -4.23 -9.60
C GLU A 475 9.15 -3.08 -10.50
N CYS A 476 9.66 -1.88 -10.20
CA CYS A 476 9.27 -0.71 -10.99
C CYS A 476 9.74 -0.86 -12.43
N PHE A 477 10.96 -1.34 -12.63
CA PHE A 477 11.50 -1.50 -13.98
C PHE A 477 10.67 -2.50 -14.77
N VAL A 478 10.36 -3.66 -14.19
CA VAL A 478 9.55 -4.63 -14.91
C VAL A 478 8.23 -3.99 -15.33
N ILE A 479 7.46 -3.49 -14.36
CA ILE A 479 6.12 -3.02 -14.68
C ILE A 479 6.17 -1.90 -15.69
N ALA A 480 7.11 -0.96 -15.52
CA ALA A 480 7.13 0.24 -16.37
C ALA A 480 7.65 -0.05 -17.77
N TRP A 481 8.70 -0.86 -17.91
CA TRP A 481 9.44 -0.95 -19.16
C TRP A 481 9.38 -2.32 -19.83
N ILE A 482 9.29 -3.41 -19.06
CA ILE A 482 9.20 -4.75 -19.65
C ILE A 482 7.76 -5.11 -19.95
N TYR A 483 6.91 -5.00 -18.93
CA TYR A 483 5.47 -5.21 -19.11
C TYR A 483 4.85 -4.02 -19.83
N GLY A 484 5.00 -2.82 -19.26
CA GLY A 484 4.59 -1.60 -19.92
C GLY A 484 3.67 -0.76 -19.07
N GLY A 485 4.00 0.53 -18.93
CA GLY A 485 3.10 1.43 -18.23
C GLY A 485 1.76 1.54 -18.92
N ASN A 486 1.75 1.49 -20.26
CA ASN A 486 0.51 1.59 -21.00
C ASN A 486 -0.40 0.39 -20.75
N ARG A 487 0.17 -0.81 -20.68
CA ARG A 487 -0.60 -2.00 -20.33
C ARG A 487 -1.08 -1.92 -18.89
N PHE A 488 -0.19 -1.57 -17.97
CA PHE A 488 -0.50 -1.63 -16.54
C PHE A 488 -1.53 -0.58 -16.16
N SER A 489 -1.47 0.61 -16.78
CA SER A 489 -2.47 1.62 -16.52
C SER A 489 -3.84 1.20 -17.05
N GLU A 490 -3.87 0.46 -18.15
CA GLU A 490 -5.15 -0.05 -18.65
C GLU A 490 -5.69 -1.13 -17.71
N ASP A 491 -4.83 -1.98 -17.18
CA ASP A 491 -5.27 -2.96 -16.18
C ASP A 491 -5.86 -2.26 -14.96
N ILE A 492 -5.18 -1.22 -14.49
CA ILE A 492 -5.66 -0.48 -13.32
C ILE A 492 -6.98 0.21 -13.65
N ARG A 493 -7.10 0.76 -14.86
CA ARG A 493 -8.36 1.34 -15.30
C ARG A 493 -9.48 0.31 -15.32
N ASP A 494 -9.17 -0.92 -15.73
CA ASP A 494 -10.17 -1.98 -15.71
C ASP A 494 -10.59 -2.32 -14.29
N MET A 495 -9.64 -2.34 -13.36
CA MET A 495 -9.95 -2.76 -11.99
C MET A 495 -10.62 -1.66 -11.19
N ILE A 496 -9.92 -0.54 -11.00
CA ILE A 496 -10.40 0.52 -10.10
C ILE A 496 -11.23 1.58 -10.82
N GLY A 497 -11.18 1.65 -12.14
CA GLY A 497 -12.05 2.53 -12.91
C GLY A 497 -11.39 3.78 -13.44
N PHE A 498 -10.15 4.07 -13.08
CA PHE A 498 -9.46 5.25 -13.61
C PHE A 498 -7.96 4.97 -13.65
N PRO A 499 -7.24 5.61 -14.57
CA PRO A 499 -5.81 5.30 -14.74
C PRO A 499 -4.97 5.89 -13.61
N PRO A 500 -3.74 5.40 -13.44
CA PRO A 500 -2.94 5.83 -12.29
C PRO A 500 -2.66 7.33 -12.23
N GLY A 501 -2.57 8.01 -13.37
CA GLY A 501 -2.18 9.40 -13.39
C GLY A 501 -0.68 9.57 -13.47
N PRO A 502 -0.23 10.82 -13.62
CA PRO A 502 1.20 11.05 -13.89
C PRO A 502 2.10 10.81 -12.70
N TRP A 503 1.65 11.11 -11.48
CA TRP A 503 2.50 10.88 -10.32
C TRP A 503 2.93 9.43 -10.23
N MET A 504 1.95 8.51 -10.27
CA MET A 504 2.25 7.09 -10.21
C MET A 504 3.06 6.65 -11.43
N LYS A 505 2.64 7.08 -12.62
CA LYS A 505 3.28 6.60 -13.84
C LYS A 505 4.75 6.97 -13.87
N TYR A 506 5.07 8.23 -13.59
CA TYR A 506 6.46 8.65 -13.61
C TYR A 506 7.24 8.17 -12.39
N SER A 507 6.57 7.97 -11.25
CA SER A 507 7.27 7.37 -10.11
C SER A 507 7.75 5.97 -10.46
N TRP A 508 6.93 5.20 -11.15
CA TRP A 508 7.36 3.87 -11.58
C TRP A 508 8.39 3.96 -12.70
N ALA A 509 8.18 4.86 -13.67
CA ALA A 509 9.02 4.87 -14.86
C ALA A 509 10.42 5.39 -14.57
N VAL A 510 10.53 6.49 -13.84
CA VAL A 510 11.80 7.20 -13.72
C VAL A 510 12.23 7.35 -12.26
N ILE A 511 11.37 7.96 -11.45
CA ILE A 511 11.82 8.46 -10.15
C ILE A 511 12.31 7.32 -9.27
N THR A 512 11.51 6.26 -9.13
CA THR A 512 11.92 5.16 -8.25
C THR A 512 13.16 4.47 -8.78
N PRO A 513 13.25 4.07 -10.05
CA PRO A 513 14.52 3.50 -10.55
C PRO A 513 15.70 4.42 -10.32
N VAL A 514 15.54 5.73 -10.57
CA VAL A 514 16.65 6.65 -10.44
C VAL A 514 17.10 6.74 -8.99
N LEU A 515 16.15 6.88 -8.06
CA LEU A 515 16.52 6.99 -6.65
C LEU A 515 17.20 5.71 -6.16
N CYS A 516 16.64 4.55 -6.52
CA CYS A 516 17.22 3.29 -6.08
C CYS A 516 18.64 3.13 -6.61
N VAL A 517 18.83 3.37 -7.91
CA VAL A 517 20.16 3.21 -8.49
C VAL A 517 21.13 4.22 -7.90
N GLY A 518 20.67 5.46 -7.72
CA GLY A 518 21.54 6.49 -7.18
C GLY A 518 22.04 6.16 -5.80
N CYS A 519 21.13 5.76 -4.89
CA CYS A 519 21.56 5.40 -3.55
C CYS A 519 22.42 4.15 -3.56
N PHE A 520 22.06 3.16 -4.38
CA PHE A 520 22.83 1.93 -4.46
C PHE A 520 24.28 2.22 -4.84
N ILE A 521 24.48 2.97 -5.93
CA ILE A 521 25.83 3.26 -6.39
C ILE A 521 26.55 4.21 -5.42
N PHE A 522 25.82 5.18 -4.87
CA PHE A 522 26.42 6.14 -3.96
C PHE A 522 26.99 5.45 -2.73
N SER A 523 26.30 4.44 -2.22
CA SER A 523 26.79 3.73 -1.04
C SER A 523 28.01 2.87 -1.34
N LEU A 524 28.24 2.53 -2.61
CA LEU A 524 29.44 1.77 -2.98
C LEU A 524 30.62 2.67 -3.33
N VAL A 525 30.35 3.85 -3.89
CA VAL A 525 31.42 4.79 -4.18
C VAL A 525 31.98 5.37 -2.89
N LYS A 526 31.11 5.63 -1.91
CA LYS A 526 31.51 6.25 -0.64
C LYS A 526 31.32 5.29 0.52
N TYR A 527 31.78 4.06 0.34
CA TYR A 527 31.53 2.98 1.29
C TYR A 527 32.08 3.30 2.68
N VAL A 528 31.30 2.98 3.70
CA VAL A 528 31.77 2.94 5.09
C VAL A 528 31.20 1.69 5.76
N PRO A 529 31.95 0.99 6.59
CA PRO A 529 31.45 -0.26 7.17
C PRO A 529 30.51 -0.04 8.35
N LEU A 530 29.80 -1.12 8.69
CA LEU A 530 28.85 -1.11 9.80
C LEU A 530 29.55 -1.00 11.15
N THR A 531 28.90 -0.27 12.07
CA THR A 531 29.32 -0.22 13.47
C THR A 531 28.07 -0.30 14.34
N TYR A 532 28.20 -0.97 15.49
CA TYR A 532 27.04 -1.27 16.32
C TYR A 532 26.54 -0.03 17.06
N ASN A 533 27.41 0.60 17.85
CA ASN A 533 27.03 1.77 18.64
C ASN A 533 28.10 2.85 18.53
N LYS A 534 28.60 3.05 17.31
CA LYS A 534 29.48 4.16 16.99
C LYS A 534 30.88 3.97 17.56
N THR A 535 31.07 2.94 18.40
CA THR A 535 32.40 2.60 18.88
C THR A 535 32.84 1.23 18.41
N TYR A 536 31.95 0.24 18.48
CA TYR A 536 32.30 -1.13 18.14
C TYR A 536 32.42 -1.29 16.62
N VAL A 537 33.54 -1.85 16.18
CA VAL A 537 33.79 -2.15 14.78
C VAL A 537 33.65 -3.65 14.57
N TYR A 538 32.83 -4.06 13.61
CA TYR A 538 32.62 -5.47 13.35
C TYR A 538 33.88 -6.08 12.74
N PRO A 539 34.16 -7.36 13.03
CA PRO A 539 35.23 -8.05 12.29
C PRO A 539 34.82 -8.31 10.85
N ASN A 540 35.85 -8.48 10.01
CA ASN A 540 35.61 -8.58 8.57
C ASN A 540 34.74 -9.77 8.20
N TRP A 541 34.83 -10.87 8.95
CA TRP A 541 33.98 -12.02 8.65
C TRP A 541 32.52 -11.73 8.97
N ALA A 542 32.26 -10.87 9.96
CA ALA A 542 30.88 -10.46 10.22
C ALA A 542 30.33 -9.59 9.10
N ILE A 543 31.16 -8.71 8.54
CA ILE A 543 30.73 -7.92 7.40
C ILE A 543 30.44 -8.82 6.20
N GLY A 544 31.31 -9.81 5.99
CA GLY A 544 31.05 -10.80 4.95
C GLY A 544 29.74 -11.55 5.18
N LEU A 545 29.44 -11.87 6.44
CA LEU A 545 28.19 -12.52 6.77
C LEU A 545 26.99 -11.62 6.45
N GLY A 546 27.12 -10.32 6.76
CA GLY A 546 26.04 -9.40 6.42
C GLY A 546 25.80 -9.33 4.93
N TRP A 547 26.87 -9.23 4.14
CA TRP A 547 26.71 -9.27 2.69
C TRP A 547 26.18 -10.61 2.22
N SER A 548 26.51 -11.71 2.90
CA SER A 548 25.90 -12.99 2.57
C SER A 548 24.39 -12.94 2.75
N LEU A 549 23.94 -12.35 3.86
CA LEU A 549 22.51 -12.24 4.11
C LEU A 549 21.84 -11.40 3.01
N ALA A 550 22.44 -10.27 2.65
CA ALA A 550 21.85 -9.42 1.61
C ALA A 550 21.83 -10.12 0.26
N LEU A 551 22.94 -10.76 -0.11
CA LEU A 551 23.02 -11.39 -1.42
C LEU A 551 22.12 -12.61 -1.50
N SER A 552 21.85 -13.28 -0.38
CA SER A 552 20.89 -14.38 -0.41
C SER A 552 19.57 -13.93 -0.99
N SER A 553 19.12 -12.72 -0.64
CA SER A 553 17.91 -12.18 -1.24
C SER A 553 18.15 -11.68 -2.65
N MET A 554 19.25 -10.95 -2.86
CA MET A 554 19.42 -10.27 -4.14
C MET A 554 19.62 -11.25 -5.29
N LEU A 555 20.38 -12.32 -5.08
CA LEU A 555 20.76 -13.23 -6.16
C LEU A 555 19.60 -14.05 -6.69
N CYS A 556 18.43 -14.04 -6.03
CA CYS A 556 17.31 -14.82 -6.53
C CYS A 556 16.91 -14.38 -7.93
N VAL A 557 17.11 -13.12 -8.27
CA VAL A 557 16.68 -12.62 -9.58
C VAL A 557 17.59 -13.22 -10.65
N PRO A 558 18.92 -13.02 -10.61
CA PRO A 558 19.76 -13.64 -11.64
C PRO A 558 19.58 -15.14 -11.75
N LEU A 559 19.56 -15.85 -10.61
CA LEU A 559 19.54 -17.30 -10.63
C LEU A 559 18.20 -17.84 -11.10
N VAL A 560 17.09 -17.20 -10.71
CA VAL A 560 15.80 -17.62 -11.26
C VAL A 560 15.73 -17.30 -12.75
N ILE A 561 16.35 -16.21 -13.19
CA ILE A 561 16.36 -15.89 -14.62
C ILE A 561 17.06 -17.01 -15.39
N VAL A 562 18.23 -17.44 -14.91
CA VAL A 562 18.95 -18.50 -15.61
C VAL A 562 18.20 -19.82 -15.51
N ILE A 563 17.58 -20.08 -14.36
CA ILE A 563 16.83 -21.32 -14.18
C ILE A 563 15.65 -21.39 -15.14
N ARG A 564 15.01 -20.25 -15.41
CA ARG A 564 13.89 -20.23 -16.34
C ARG A 564 14.33 -20.22 -17.80
N LEU A 565 15.47 -19.60 -18.10
CA LEU A 565 16.00 -19.70 -19.45
C LEU A 565 16.41 -21.14 -19.76
N CYS A 566 16.95 -21.85 -18.77
CA CYS A 566 17.14 -23.28 -18.92
C CYS A 566 15.81 -24.02 -18.79
N GLN A 567 15.75 -25.17 -19.44
CA GLN A 567 14.58 -26.06 -19.40
C GLN A 567 13.41 -25.51 -20.20
N THR A 568 13.50 -24.27 -20.68
CA THR A 568 12.57 -23.80 -21.69
C THR A 568 13.11 -24.14 -23.07
N GLU A 569 12.22 -24.56 -23.96
CA GLU A 569 12.63 -25.10 -25.25
C GLU A 569 12.84 -23.99 -26.27
N GLY A 570 13.62 -24.32 -27.30
CA GLY A 570 13.77 -23.48 -28.48
C GLY A 570 14.96 -22.54 -28.43
N PRO A 571 15.23 -21.86 -29.55
CA PRO A 571 16.34 -20.90 -29.59
C PRO A 571 16.20 -19.82 -28.53
N PHE A 572 17.31 -19.10 -28.30
CA PHE A 572 17.34 -18.11 -27.23
C PHE A 572 16.29 -17.04 -27.43
N LEU A 573 16.12 -16.56 -28.67
CA LEU A 573 15.20 -15.46 -28.91
C LEU A 573 13.77 -15.84 -28.52
N VAL A 574 13.33 -17.04 -28.95
CA VAL A 574 11.98 -17.45 -28.60
C VAL A 574 11.88 -17.78 -27.12
N ARG A 575 12.97 -18.25 -26.51
CA ARG A 575 12.95 -18.45 -25.06
C ARG A 575 12.66 -17.15 -24.33
N VAL A 576 13.38 -16.08 -24.67
CA VAL A 576 13.16 -14.78 -24.04
C VAL A 576 11.75 -14.29 -24.32
N LYS A 577 11.32 -14.39 -25.58
CA LYS A 577 9.98 -13.91 -25.93
C LYS A 577 8.91 -14.67 -25.16
N TYR A 578 9.07 -15.98 -25.01
CA TYR A 578 8.11 -16.79 -24.27
C TYR A 578 8.07 -16.40 -22.80
N LEU A 579 9.25 -16.21 -22.19
CA LEU A 579 9.28 -15.88 -20.78
C LEU A 579 8.76 -14.47 -20.53
N LEU A 580 8.87 -13.58 -21.51
CA LEU A 580 8.34 -12.23 -21.37
C LEU A 580 6.82 -12.16 -21.49
N THR A 581 6.18 -13.26 -21.90
CA THR A 581 4.74 -13.25 -22.18
C THR A 581 3.99 -13.80 -20.98
N PRO A 582 3.01 -13.05 -20.41
CA PRO A 582 2.27 -13.56 -19.24
C PRO A 582 1.69 -14.95 -19.44
N ARG A 583 1.27 -15.56 -18.33
CA ARG A 583 0.67 -16.88 -18.33
C ARG A 583 -0.51 -16.91 -17.38
N GLU A 584 -1.32 -17.95 -17.51
CA GLU A 584 -2.46 -18.16 -16.62
C GLU A 584 -2.00 -18.71 -15.27
N GLU B 1 -9.83 18.58 -25.55
CA GLU B 1 -10.77 17.63 -26.20
C GLU B 1 -11.88 18.37 -26.92
N VAL B 2 -12.15 18.01 -28.18
CA VAL B 2 -13.12 18.74 -28.99
C VAL B 2 -14.25 17.87 -29.52
N GLN B 3 -13.92 16.85 -30.32
CA GLN B 3 -14.87 16.39 -31.32
C GLN B 3 -14.94 14.87 -31.43
N LEU B 4 -16.15 14.38 -31.66
CA LEU B 4 -16.43 13.03 -32.10
C LEU B 4 -17.47 13.07 -33.21
N VAL B 5 -17.30 12.24 -34.25
CA VAL B 5 -18.20 12.25 -35.39
C VAL B 5 -18.39 10.80 -35.85
N GLU B 6 -19.64 10.33 -35.81
CA GLU B 6 -19.99 9.01 -36.32
C GLU B 6 -20.29 9.05 -37.81
N SER B 7 -20.22 7.87 -38.44
CA SER B 7 -20.56 7.72 -39.85
C SER B 7 -20.98 6.28 -40.11
N GLY B 8 -21.64 6.08 -41.25
CA GLY B 8 -22.00 4.74 -41.71
C GLY B 8 -23.42 4.29 -41.41
N GLY B 9 -24.27 5.15 -40.86
CA GLY B 9 -25.66 4.79 -40.67
C GLY B 9 -26.39 4.66 -42.01
N GLY B 10 -27.42 3.83 -42.00
CA GLY B 10 -28.20 3.63 -43.21
C GLY B 10 -29.27 2.58 -43.04
N LEU B 11 -29.71 2.04 -44.17
CA LEU B 11 -30.82 1.10 -44.24
C LEU B 11 -30.30 -0.28 -44.64
N VAL B 12 -30.69 -1.30 -43.88
CA VAL B 12 -30.30 -2.68 -44.16
C VAL B 12 -31.47 -3.60 -43.83
N LYS B 13 -31.53 -4.73 -44.53
CA LYS B 13 -32.64 -5.66 -44.35
C LYS B 13 -32.54 -6.36 -43.00
N PRO B 14 -33.67 -6.87 -42.49
CA PRO B 14 -33.62 -7.65 -41.24
C PRO B 14 -32.66 -8.82 -41.35
N GLY B 15 -31.91 -9.07 -40.29
CA GLY B 15 -30.90 -10.09 -40.28
C GLY B 15 -29.63 -9.73 -41.03
N GLY B 16 -29.55 -8.54 -41.59
CA GLY B 16 -28.37 -8.12 -42.32
C GLY B 16 -27.24 -7.71 -41.40
N SER B 17 -26.19 -7.16 -42.03
CA SER B 17 -24.98 -6.74 -41.33
C SER B 17 -24.64 -5.31 -41.70
N LEU B 18 -24.05 -4.59 -40.74
CA LEU B 18 -23.67 -3.19 -40.94
C LEU B 18 -22.50 -2.87 -40.02
N LYS B 19 -21.66 -1.92 -40.46
CA LYS B 19 -20.50 -1.48 -39.71
C LYS B 19 -20.56 0.04 -39.54
N LEU B 20 -20.51 0.49 -38.29
CA LEU B 20 -20.48 1.91 -37.98
C LEU B 20 -19.07 2.39 -37.72
N SER B 21 -18.83 3.68 -37.96
CA SER B 21 -17.54 4.32 -37.71
C SER B 21 -17.74 5.57 -36.86
N CYS B 22 -16.72 5.92 -36.08
CA CYS B 22 -16.74 7.12 -35.25
C CYS B 22 -15.34 7.70 -35.20
N ALA B 23 -15.14 8.81 -35.90
CA ALA B 23 -13.84 9.50 -35.91
C ALA B 23 -13.71 10.42 -34.71
N ALA B 24 -12.48 10.58 -34.23
CA ALA B 24 -12.17 11.41 -33.08
C ALA B 24 -11.16 12.48 -33.46
N SER B 25 -11.27 13.64 -32.81
CA SER B 25 -10.34 14.74 -33.04
C SER B 25 -10.22 15.56 -31.77
N GLY B 26 -9.11 16.29 -31.66
CA GLY B 26 -8.87 17.20 -30.57
C GLY B 26 -8.39 16.58 -29.27
N PHE B 27 -8.16 15.26 -29.25
CA PHE B 27 -7.62 14.60 -28.08
C PHE B 27 -6.92 13.32 -28.50
N THR B 28 -6.01 12.85 -27.64
CA THR B 28 -5.24 11.64 -27.94
C THR B 28 -6.13 10.42 -27.82
N PHE B 29 -6.70 9.99 -28.94
CA PHE B 29 -7.71 8.92 -28.95
C PHE B 29 -7.19 7.64 -28.31
N SER B 30 -5.88 7.41 -28.35
CA SER B 30 -5.32 6.17 -27.82
C SER B 30 -5.31 6.13 -26.29
N SER B 31 -5.62 7.24 -25.62
CA SER B 31 -5.48 7.33 -24.18
C SER B 31 -6.81 7.21 -23.44
N TYR B 32 -7.92 7.01 -24.13
CA TYR B 32 -9.23 7.01 -23.51
C TYR B 32 -10.03 5.78 -23.93
N ALA B 33 -10.70 5.15 -22.97
CA ALA B 33 -11.66 4.10 -23.28
C ALA B 33 -12.85 4.69 -24.01
N MET B 34 -13.44 3.91 -24.92
CA MET B 34 -14.53 4.37 -25.76
C MET B 34 -15.71 3.42 -25.64
N SER B 35 -16.91 3.99 -25.79
CA SER B 35 -18.15 3.25 -25.63
C SER B 35 -19.14 3.64 -26.72
N TRP B 36 -20.04 2.71 -27.03
CA TRP B 36 -21.19 2.97 -27.90
C TRP B 36 -22.46 2.88 -27.07
N VAL B 37 -23.32 3.88 -27.19
CA VAL B 37 -24.61 3.90 -26.52
C VAL B 37 -25.70 4.08 -27.57
N ARG B 38 -26.86 3.49 -27.28
CA ARG B 38 -27.92 3.32 -28.28
C ARG B 38 -29.23 3.89 -27.76
N GLN B 39 -29.91 4.66 -28.60
CA GLN B 39 -31.17 5.30 -28.26
C GLN B 39 -32.24 4.83 -29.23
N SER B 40 -33.25 4.14 -28.70
CA SER B 40 -34.30 3.55 -29.51
C SER B 40 -35.24 4.64 -30.02
N PRO B 41 -36.11 4.30 -30.98
CA PRO B 41 -37.15 5.26 -31.38
C PRO B 41 -38.02 5.72 -30.23
N GLU B 42 -38.09 4.94 -29.15
CA GLU B 42 -38.76 5.37 -27.93
C GLU B 42 -37.89 6.29 -27.08
N LYS B 43 -36.73 6.69 -27.58
CA LYS B 43 -35.87 7.66 -26.90
C LYS B 43 -35.21 7.09 -25.65
N ARG B 44 -35.35 5.79 -25.41
CA ARG B 44 -34.70 5.19 -24.25
C ARG B 44 -33.25 4.87 -24.56
N LEU B 45 -32.34 5.31 -23.68
CA LEU B 45 -30.93 5.02 -23.82
C LEU B 45 -30.63 3.58 -23.40
N GLU B 46 -29.79 2.90 -24.19
CA GLU B 46 -29.30 1.57 -23.85
C GLU B 46 -27.84 1.48 -24.22
N TRP B 47 -27.04 0.97 -23.30
CA TRP B 47 -25.61 0.80 -23.53
C TRP B 47 -25.36 -0.45 -24.37
N VAL B 48 -24.37 -0.37 -25.25
CA VAL B 48 -24.09 -1.43 -26.22
C VAL B 48 -22.76 -2.13 -25.90
N ALA B 49 -21.65 -1.41 -25.96
CA ALA B 49 -20.35 -2.04 -25.75
C ALA B 49 -19.33 -0.99 -25.32
N GLU B 50 -18.31 -1.45 -24.61
CA GLU B 50 -17.17 -0.63 -24.22
C GLU B 50 -15.87 -1.32 -24.66
N ILE B 51 -14.92 -0.52 -25.13
CA ILE B 51 -13.58 -1.00 -25.47
C ILE B 51 -12.57 -0.08 -24.80
N SER B 52 -11.65 -0.65 -24.04
CA SER B 52 -10.72 0.14 -23.25
C SER B 52 -9.68 0.81 -24.16
N SER B 53 -8.79 1.59 -23.54
CA SER B 53 -7.86 2.41 -24.31
C SER B 53 -6.94 1.57 -25.18
N GLY B 54 -6.43 0.47 -24.66
CA GLY B 54 -5.59 -0.41 -25.42
C GLY B 54 -6.31 -1.50 -26.18
N GLY B 55 -7.64 -1.54 -26.09
CA GLY B 55 -8.43 -2.55 -26.76
C GLY B 55 -8.37 -3.92 -26.14
N ARG B 56 -7.74 -4.06 -24.97
CA ARG B 56 -7.55 -5.39 -24.38
C ARG B 56 -8.74 -5.83 -23.56
N TYR B 57 -9.52 -4.90 -23.00
CA TYR B 57 -10.73 -5.21 -22.25
C TYR B 57 -11.94 -4.71 -23.01
N ILE B 58 -12.88 -5.60 -23.28
CA ILE B 58 -14.08 -5.30 -24.06
C ILE B 58 -15.29 -5.86 -23.31
N TYR B 59 -16.35 -5.07 -23.22
CA TYR B 59 -17.58 -5.47 -22.55
C TYR B 59 -18.76 -5.23 -23.48
N TYR B 60 -19.74 -6.13 -23.43
CA TYR B 60 -20.94 -6.03 -24.25
C TYR B 60 -22.19 -6.09 -23.39
N SER B 61 -23.25 -5.44 -23.87
CA SER B 61 -24.57 -5.60 -23.27
C SER B 61 -25.11 -6.99 -23.56
N ASP B 62 -25.90 -7.52 -22.63
CA ASP B 62 -26.38 -8.90 -22.77
C ASP B 62 -27.24 -9.08 -24.02
N THR B 63 -27.87 -8.01 -24.50
CA THR B 63 -28.73 -8.11 -25.66
C THR B 63 -27.96 -8.09 -26.98
N VAL B 64 -26.66 -7.82 -26.95
CA VAL B 64 -25.85 -7.82 -28.16
C VAL B 64 -24.61 -8.70 -28.05
N THR B 65 -24.38 -9.35 -26.91
CA THR B 65 -23.10 -9.98 -26.64
C THR B 65 -22.73 -11.05 -27.68
N GLY B 66 -23.71 -11.61 -28.37
CA GLY B 66 -23.42 -12.67 -29.33
C GLY B 66 -23.32 -12.22 -30.77
N ARG B 67 -23.66 -10.96 -31.03
CA ARG B 67 -23.84 -10.47 -32.39
C ARG B 67 -23.02 -9.23 -32.72
N PHE B 68 -22.66 -8.41 -31.74
CA PHE B 68 -21.91 -7.19 -31.99
C PHE B 68 -20.44 -7.37 -31.64
N THR B 69 -19.58 -6.75 -32.45
CA THR B 69 -18.13 -6.76 -32.23
C THR B 69 -17.63 -5.33 -32.29
N ILE B 70 -16.90 -4.91 -31.26
CA ILE B 70 -16.37 -3.55 -31.17
C ILE B 70 -14.87 -3.60 -31.38
N SER B 71 -14.33 -2.58 -32.05
CA SER B 71 -12.90 -2.50 -32.33
C SER B 71 -12.51 -1.04 -32.52
N ARG B 72 -11.21 -0.79 -32.46
CA ARG B 72 -10.67 0.56 -32.58
C ARG B 72 -9.36 0.53 -33.37
N ASP B 73 -9.02 1.68 -33.93
CA ASP B 73 -7.78 1.87 -34.68
C ASP B 73 -7.05 3.07 -34.08
N ASN B 74 -6.20 2.80 -33.09
CA ASN B 74 -5.46 3.88 -32.44
C ASN B 74 -4.51 4.58 -33.40
N ALA B 75 -4.04 3.90 -34.44
CA ALA B 75 -3.17 4.53 -35.41
C ALA B 75 -3.91 5.50 -36.32
N ARG B 76 -5.24 5.42 -36.37
CA ARG B 76 -6.03 6.30 -37.22
C ARG B 76 -7.07 7.10 -36.46
N ASN B 77 -7.14 6.97 -35.12
CA ASN B 77 -8.06 7.76 -34.31
C ASN B 77 -9.50 7.58 -34.76
N ILE B 78 -9.88 6.34 -35.09
CA ILE B 78 -11.23 6.01 -35.50
C ILE B 78 -11.73 4.81 -34.70
N LEU B 79 -13.00 4.86 -34.31
CA LEU B 79 -13.65 3.79 -33.56
C LEU B 79 -14.65 3.08 -34.47
N HIS B 80 -14.76 1.75 -34.29
CA HIS B 80 -15.63 0.93 -35.13
C HIS B 80 -16.58 0.09 -34.29
N LEU B 81 -17.78 -0.12 -34.82
CA LEU B 81 -18.73 -1.08 -34.29
C LEU B 81 -19.32 -1.87 -35.45
N GLU B 82 -19.22 -3.20 -35.36
CA GLU B 82 -19.73 -4.10 -36.40
C GLU B 82 -20.88 -4.93 -35.84
N MET B 83 -21.99 -4.95 -36.57
CA MET B 83 -23.16 -5.75 -36.21
C MET B 83 -23.28 -6.90 -37.21
N SER B 84 -23.32 -8.12 -36.70
CA SER B 84 -23.30 -9.30 -37.56
C SER B 84 -24.71 -9.65 -38.06
N SER B 85 -25.68 -9.72 -37.16
CA SER B 85 -27.05 -10.10 -37.51
C SER B 85 -28.01 -9.13 -36.83
N LEU B 86 -28.43 -8.10 -37.55
CA LEU B 86 -29.24 -7.04 -36.98
C LEU B 86 -30.69 -7.51 -36.80
N ARG B 87 -31.15 -7.54 -35.56
CA ARG B 87 -32.54 -7.83 -35.25
C ARG B 87 -33.39 -6.57 -35.43
N SER B 88 -34.71 -6.76 -35.43
CA SER B 88 -35.63 -5.64 -35.59
C SER B 88 -35.46 -4.61 -34.47
N GLU B 89 -35.05 -5.05 -33.29
CA GLU B 89 -34.91 -4.15 -32.15
C GLU B 89 -33.66 -3.29 -32.24
N ASP B 90 -32.78 -3.52 -33.21
CA ASP B 90 -31.50 -2.84 -33.27
C ASP B 90 -31.56 -1.51 -34.01
N THR B 91 -32.71 -1.14 -34.58
CA THR B 91 -32.83 0.18 -35.18
C THR B 91 -32.83 1.24 -34.09
N ALA B 92 -31.95 2.23 -34.21
CA ALA B 92 -31.77 3.20 -33.14
C ALA B 92 -30.77 4.26 -33.57
N MET B 93 -30.68 5.31 -32.76
CA MET B 93 -29.62 6.30 -32.89
C MET B 93 -28.40 5.83 -32.10
N TYR B 94 -27.25 5.77 -32.75
CA TYR B 94 -26.03 5.24 -32.14
C TYR B 94 -25.05 6.37 -31.88
N TYR B 95 -24.63 6.49 -30.63
CA TYR B 95 -23.65 7.49 -30.20
C TYR B 95 -22.38 6.79 -29.75
N CYS B 96 -21.24 7.28 -30.21
CA CYS B 96 -19.96 6.90 -29.60
C CYS B 96 -19.64 7.89 -28.49
N ALA B 97 -19.17 7.37 -27.35
CA ALA B 97 -19.01 8.17 -26.14
C ALA B 97 -17.65 7.88 -25.50
N ARG B 98 -17.03 8.93 -24.97
CA ARG B 98 -15.71 8.81 -24.35
C ARG B 98 -15.88 8.56 -22.86
N GLY B 99 -15.41 7.42 -22.38
CA GLY B 99 -15.70 6.98 -21.02
C GLY B 99 -14.50 6.55 -20.20
N GLU B 100 -13.39 7.27 -20.31
CA GLU B 100 -12.14 6.79 -19.74
C GLU B 100 -12.23 6.53 -18.24
N VAL B 101 -12.98 7.36 -17.50
CA VAL B 101 -13.02 7.28 -16.05
C VAL B 101 -14.43 6.87 -15.65
N ARG B 102 -14.55 5.73 -14.98
CA ARG B 102 -15.86 5.25 -14.55
C ARG B 102 -16.46 6.15 -13.47
N GLN B 103 -15.63 6.81 -12.67
CA GLN B 103 -16.13 7.74 -11.65
C GLN B 103 -16.50 9.10 -12.21
N ARG B 104 -16.32 9.31 -13.52
CA ARG B 104 -16.65 10.59 -14.15
C ARG B 104 -17.64 10.48 -15.29
N GLY B 105 -17.88 9.29 -15.83
CA GLY B 105 -18.90 9.12 -16.85
C GLY B 105 -18.42 9.44 -18.25
N PHE B 106 -19.40 9.56 -19.15
CA PHE B 106 -19.14 9.81 -20.58
C PHE B 106 -18.99 11.31 -20.79
N ASP B 107 -17.73 11.75 -20.90
CA ASP B 107 -17.45 13.18 -21.00
C ASP B 107 -18.04 13.78 -22.29
N TYR B 108 -17.82 13.13 -23.43
CA TYR B 108 -18.19 13.70 -24.72
C TYR B 108 -18.96 12.68 -25.54
N TRP B 109 -19.93 13.18 -26.30
CA TRP B 109 -20.78 12.36 -27.15
C TRP B 109 -20.72 12.84 -28.58
N GLY B 110 -20.77 11.91 -29.52
CA GLY B 110 -20.80 12.25 -30.93
C GLY B 110 -22.17 12.72 -31.38
N GLN B 111 -22.24 13.12 -32.64
CA GLN B 111 -23.51 13.59 -33.21
C GLN B 111 -24.49 12.46 -33.46
N GLY B 112 -24.00 11.24 -33.67
CA GLY B 112 -24.88 10.08 -33.81
C GLY B 112 -25.25 9.72 -35.23
N THR B 113 -25.39 8.42 -35.49
CA THR B 113 -25.85 7.91 -36.78
C THR B 113 -27.09 7.05 -36.58
N THR B 114 -28.12 7.31 -37.38
CA THR B 114 -29.34 6.51 -37.32
C THR B 114 -29.16 5.20 -38.09
N LEU B 115 -29.70 4.12 -37.52
CA LEU B 115 -29.69 2.80 -38.14
C LEU B 115 -31.12 2.32 -38.30
N THR B 116 -31.50 1.97 -39.53
CA THR B 116 -32.85 1.57 -39.87
C THR B 116 -32.85 0.17 -40.48
N VAL B 117 -33.86 -0.62 -40.12
CA VAL B 117 -33.93 -2.02 -40.54
C VAL B 117 -35.26 -2.33 -41.21
N SER B 118 -35.88 -1.33 -41.84
CA SER B 118 -37.15 -1.53 -42.51
C SER B 118 -37.09 -2.68 -43.50
N GLU C 1 -27.99 -7.89 -14.52
CA GLU C 1 -28.19 -6.51 -15.07
C GLU C 1 -28.95 -5.63 -14.07
N ASN C 2 -28.24 -4.67 -13.47
CA ASN C 2 -28.82 -3.82 -12.46
C ASN C 2 -29.78 -2.84 -13.13
N VAL C 3 -31.08 -3.02 -12.88
CA VAL C 3 -32.09 -2.17 -13.49
C VAL C 3 -32.19 -0.86 -12.73
N LEU C 4 -32.09 0.25 -13.45
CA LEU C 4 -32.31 1.58 -12.89
C LEU C 4 -33.65 2.13 -13.36
N THR C 5 -34.42 2.68 -12.42
CA THR C 5 -35.74 3.23 -12.70
C THR C 5 -35.87 4.60 -12.06
N GLN C 6 -36.46 5.54 -12.80
CA GLN C 6 -36.72 6.89 -12.33
C GLN C 6 -38.22 7.09 -12.22
N SER C 7 -38.68 7.58 -11.05
CA SER C 7 -40.11 7.59 -10.77
C SER C 7 -40.86 8.63 -11.60
N PRO C 8 -40.54 9.93 -11.53
CA PRO C 8 -41.33 10.94 -12.27
C PRO C 8 -41.00 10.99 -13.74
N ALA C 9 -41.55 10.01 -14.48
CA ALA C 9 -41.23 9.86 -15.89
C ALA C 9 -41.46 11.13 -16.69
N ILE C 10 -42.45 11.95 -16.30
CA ILE C 10 -42.70 13.24 -16.94
C ILE C 10 -43.07 14.24 -15.86
N MET C 11 -42.63 15.49 -16.05
CA MET C 11 -42.74 16.52 -15.01
C MET C 11 -43.22 17.83 -15.64
N SER C 12 -44.52 18.10 -15.54
CA SER C 12 -45.05 19.42 -15.89
C SER C 12 -44.55 20.45 -14.89
N THR C 13 -43.95 21.52 -15.39
CA THR C 13 -43.27 22.48 -14.53
C THR C 13 -43.27 23.85 -15.21
N SER C 14 -43.05 24.88 -14.41
CA SER C 14 -43.03 26.27 -14.87
C SER C 14 -41.82 26.96 -14.28
N PRO C 15 -41.36 28.05 -14.92
CA PRO C 15 -40.15 28.74 -14.43
C PRO C 15 -40.29 29.18 -12.99
N GLY C 16 -39.18 29.09 -12.25
CA GLY C 16 -39.11 29.56 -10.88
C GLY C 16 -39.35 28.49 -9.83
N GLU C 17 -40.02 27.40 -10.17
CA GLU C 17 -40.27 26.34 -9.21
C GLU C 17 -39.07 25.44 -9.04
N LYS C 18 -38.92 24.87 -7.85
CA LYS C 18 -37.88 23.89 -7.58
C LYS C 18 -38.31 22.50 -8.03
N VAL C 19 -37.32 21.67 -8.36
CA VAL C 19 -37.56 20.32 -8.85
C VAL C 19 -36.56 19.36 -8.22
N THR C 20 -37.02 18.15 -7.89
CA THR C 20 -36.14 17.06 -7.49
C THR C 20 -36.60 15.78 -8.19
N MET C 21 -35.65 15.03 -8.73
CA MET C 21 -35.92 13.80 -9.46
C MET C 21 -35.28 12.62 -8.74
N THR C 22 -35.91 11.45 -8.86
CA THR C 22 -35.48 10.25 -8.14
C THR C 22 -34.99 9.19 -9.13
N CYS C 23 -34.00 8.42 -8.68
CA CYS C 23 -33.41 7.35 -9.48
C CYS C 23 -33.11 6.17 -8.56
N ARG C 24 -33.89 5.11 -8.69
CA ARG C 24 -33.74 3.92 -7.84
C ARG C 24 -33.12 2.78 -8.65
N ALA C 25 -32.22 2.03 -8.00
CA ALA C 25 -31.52 0.92 -8.63
C ALA C 25 -31.94 -0.40 -7.99
N SER C 26 -32.06 -1.43 -8.83
CA SER C 26 -32.38 -2.77 -8.32
C SER C 26 -31.29 -3.30 -7.41
N SER C 27 -30.06 -2.78 -7.53
CA SER C 27 -28.96 -3.17 -6.67
C SER C 27 -28.19 -1.93 -6.25
N SER C 28 -27.51 -2.02 -5.11
CA SER C 28 -26.80 -0.87 -4.57
C SER C 28 -25.73 -0.41 -5.54
N VAL C 29 -25.64 0.91 -5.72
CA VAL C 29 -24.64 1.53 -6.58
C VAL C 29 -23.75 2.41 -5.72
N GLY C 30 -22.44 2.28 -5.90
CA GLY C 30 -21.51 3.13 -5.20
C GLY C 30 -21.69 4.60 -5.55
N SER C 31 -21.40 5.46 -4.58
CA SER C 31 -21.63 6.89 -4.77
C SER C 31 -20.82 7.44 -5.94
N SER C 32 -19.59 6.96 -6.12
CA SER C 32 -18.75 7.46 -7.20
C SER C 32 -19.17 6.96 -8.57
N TYR C 33 -20.07 5.97 -8.63
CA TYR C 33 -20.39 5.30 -9.89
C TYR C 33 -21.80 5.60 -10.41
N LEU C 34 -22.40 6.73 -10.02
CA LEU C 34 -23.69 7.13 -10.58
C LEU C 34 -23.58 8.54 -11.15
N HIS C 35 -24.15 8.73 -12.34
CA HIS C 35 -24.02 9.97 -13.10
C HIS C 35 -25.39 10.36 -13.67
N TRP C 36 -25.54 11.64 -13.98
CA TRP C 36 -26.74 12.16 -14.60
C TRP C 36 -26.37 12.88 -15.90
N TYR C 37 -27.17 12.64 -16.95
CA TYR C 37 -26.95 13.22 -18.26
C TYR C 37 -28.16 14.04 -18.69
N GLN C 38 -27.91 15.21 -19.27
CA GLN C 38 -28.94 15.99 -19.94
C GLN C 38 -28.97 15.65 -21.42
N GLN C 39 -30.16 15.72 -22.00
CA GLN C 39 -30.34 15.59 -23.45
C GLN C 39 -31.41 16.57 -23.90
N LYS C 40 -30.99 17.66 -24.55
CA LYS C 40 -31.94 18.57 -25.16
C LYS C 40 -32.67 17.86 -26.29
N SER C 41 -33.93 18.25 -26.51
CA SER C 41 -34.75 17.60 -27.52
C SER C 41 -34.08 17.68 -28.89
N GLY C 42 -33.86 16.52 -29.51
CA GLY C 42 -33.29 16.46 -30.84
C GLY C 42 -31.78 16.53 -30.91
N ALA C 43 -31.09 16.43 -29.78
CA ALA C 43 -29.63 16.49 -29.76
C ALA C 43 -29.08 15.39 -28.86
N SER C 44 -27.79 15.12 -29.00
CA SER C 44 -27.16 14.04 -28.27
C SER C 44 -27.01 14.41 -26.79
N PRO C 45 -26.99 13.41 -25.90
CA PRO C 45 -26.86 13.71 -24.47
C PRO C 45 -25.54 14.41 -24.15
N LYS C 46 -25.49 15.00 -22.95
CA LYS C 46 -24.28 15.61 -22.42
C LYS C 46 -24.20 15.32 -20.92
N LEU C 47 -23.00 15.03 -20.45
CA LEU C 47 -22.81 14.77 -19.02
C LEU C 47 -23.21 15.99 -18.20
N TRP C 48 -23.96 15.74 -17.13
CA TRP C 48 -24.54 16.82 -16.33
C TRP C 48 -24.05 16.77 -14.89
N ILE C 49 -24.13 15.62 -14.23
CA ILE C 49 -23.59 15.42 -12.89
C ILE C 49 -22.85 14.10 -12.86
N TYR C 50 -21.75 14.04 -12.12
CA TYR C 50 -20.96 12.84 -11.95
C TYR C 50 -20.55 12.68 -10.50
N SER C 51 -20.26 11.43 -10.11
CA SER C 51 -19.96 11.07 -8.72
C SER C 51 -21.09 11.55 -7.80
N THR C 52 -22.32 11.52 -8.33
CA THR C 52 -23.55 11.72 -7.58
C THR C 52 -23.78 13.15 -7.14
N SER C 53 -22.75 14.01 -7.16
CA SER C 53 -22.98 15.42 -6.88
C SER C 53 -22.08 16.40 -7.63
N ASN C 54 -21.08 15.95 -8.36
CA ASN C 54 -20.13 16.89 -8.97
C ASN C 54 -20.68 17.38 -10.30
N LEU C 55 -20.86 18.69 -10.41
CA LEU C 55 -21.44 19.29 -11.61
C LEU C 55 -20.43 19.28 -12.75
N ALA C 56 -20.91 18.97 -13.95
CA ALA C 56 -20.04 18.96 -15.12
C ALA C 56 -19.57 20.38 -15.44
N SER C 57 -18.74 20.47 -16.48
CA SER C 57 -18.09 21.74 -16.79
C SER C 57 -19.10 22.80 -17.25
N GLY C 58 -20.10 22.42 -18.04
CA GLY C 58 -20.98 23.40 -18.65
C GLY C 58 -22.28 23.64 -17.93
N VAL C 59 -22.61 22.80 -16.96
CA VAL C 59 -23.91 22.90 -16.27
C VAL C 59 -23.95 24.17 -15.42
N PRO C 60 -25.05 24.92 -15.44
CA PRO C 60 -25.19 26.02 -14.48
C PRO C 60 -25.20 25.52 -13.04
N ALA C 61 -24.73 26.38 -12.13
CA ALA C 61 -24.56 26.00 -10.73
C ALA C 61 -25.87 25.69 -10.02
N ARG C 62 -27.02 26.03 -10.60
CA ARG C 62 -28.29 25.82 -9.92
C ARG C 62 -28.61 24.34 -9.72
N PHE C 63 -27.91 23.43 -10.41
CA PHE C 63 -28.17 22.01 -10.27
C PHE C 63 -27.41 21.42 -9.08
N SER C 64 -27.96 20.34 -8.53
CA SER C 64 -27.32 19.63 -7.42
C SER C 64 -27.74 18.17 -7.46
N GLY C 65 -26.98 17.35 -6.74
CA GLY C 65 -27.23 15.93 -6.70
C GLY C 65 -27.05 15.37 -5.30
N SER C 66 -27.66 14.21 -5.08
CA SER C 66 -27.60 13.55 -3.77
C SER C 66 -27.96 12.09 -3.93
N GLY C 67 -27.65 11.31 -2.90
CA GLY C 67 -28.06 9.92 -2.86
C GLY C 67 -27.00 8.98 -2.32
N SER C 68 -27.40 7.73 -2.06
CA SER C 68 -26.47 6.71 -1.60
C SER C 68 -27.14 5.35 -1.74
N GLY C 69 -26.32 4.31 -1.77
CA GLY C 69 -26.84 2.96 -1.82
C GLY C 69 -27.73 2.73 -3.03
N THR C 70 -28.99 2.38 -2.77
CA THR C 70 -29.90 1.95 -3.81
C THR C 70 -30.74 3.08 -4.40
N SER C 71 -30.62 4.31 -3.89
CA SER C 71 -31.50 5.39 -4.32
C SER C 71 -30.68 6.67 -4.49
N TYR C 72 -30.99 7.42 -5.54
CA TYR C 72 -30.27 8.63 -5.88
C TYR C 72 -31.27 9.68 -6.39
N SER C 73 -30.84 10.95 -6.40
CA SER C 73 -31.71 12.01 -6.84
C SER C 73 -30.87 13.17 -7.39
N LEU C 74 -31.51 13.97 -8.25
CA LEU C 74 -30.94 15.19 -8.80
C LEU C 74 -31.98 16.31 -8.70
N THR C 75 -31.54 17.52 -8.39
CA THR C 75 -32.46 18.60 -8.07
C THR C 75 -32.04 19.88 -8.77
N ILE C 76 -33.02 20.79 -8.90
CA ILE C 76 -32.82 22.11 -9.48
C ILE C 76 -33.35 23.15 -8.51
N SER C 77 -32.54 24.17 -8.22
CA SER C 77 -32.98 25.22 -7.31
C SER C 77 -34.17 25.97 -7.88
N SER C 78 -34.13 26.29 -9.18
CA SER C 78 -35.27 26.90 -9.85
C SER C 78 -35.08 26.71 -11.35
N VAL C 79 -36.14 26.27 -12.02
CA VAL C 79 -36.03 25.88 -13.43
C VAL C 79 -36.11 27.12 -14.32
N GLU C 80 -35.62 26.94 -15.55
CA GLU C 80 -35.74 27.93 -16.60
C GLU C 80 -35.98 27.20 -17.91
N ALA C 81 -36.45 27.94 -18.91
CA ALA C 81 -36.78 27.32 -20.19
C ALA C 81 -35.59 26.57 -20.78
N GLU C 82 -34.37 27.05 -20.50
CA GLU C 82 -33.18 26.37 -21.00
C GLU C 82 -33.01 24.98 -20.39
N ASP C 83 -33.66 24.72 -19.25
CA ASP C 83 -33.53 23.43 -18.57
C ASP C 83 -34.51 22.39 -19.09
N ALA C 84 -35.35 22.72 -20.06
CA ALA C 84 -36.33 21.79 -20.61
C ALA C 84 -35.60 20.70 -21.39
N ALA C 85 -35.41 19.54 -20.77
CA ALA C 85 -34.70 18.44 -21.40
C ALA C 85 -35.06 17.14 -20.71
N THR C 86 -34.54 16.04 -21.24
CA THR C 86 -34.69 14.72 -20.64
C THR C 86 -33.40 14.37 -19.90
N TYR C 87 -33.54 13.96 -18.65
CA TYR C 87 -32.39 13.67 -17.78
C TYR C 87 -32.37 12.19 -17.44
N TYR C 88 -31.24 11.55 -17.71
CA TYR C 88 -31.04 10.12 -17.45
C TYR C 88 -29.99 9.93 -16.36
N CYS C 89 -30.31 9.08 -15.39
CA CYS C 89 -29.31 8.60 -14.46
C CYS C 89 -28.66 7.32 -15.00
N GLN C 90 -27.42 7.09 -14.58
CA GLN C 90 -26.64 5.97 -15.10
C GLN C 90 -25.71 5.45 -14.01
N GLN C 91 -25.72 4.13 -13.81
CA GLN C 91 -24.76 3.49 -12.93
C GLN C 91 -23.55 3.04 -13.74
N PHE C 92 -22.36 3.25 -13.17
CA PHE C 92 -21.11 2.86 -13.82
C PHE C 92 -20.32 1.90 -12.94
N SER C 93 -20.99 1.21 -12.01
CA SER C 93 -20.32 0.38 -11.03
C SER C 93 -19.97 -1.00 -11.56
N GLY C 94 -20.79 -1.56 -12.44
CA GLY C 94 -20.56 -2.90 -12.92
C GLY C 94 -21.32 -3.18 -14.20
N TYR C 95 -20.79 -4.08 -15.02
CA TYR C 95 -21.36 -4.29 -16.34
C TYR C 95 -22.48 -5.33 -16.29
N PRO C 96 -23.45 -5.26 -17.20
CA PRO C 96 -23.66 -4.23 -18.23
C PRO C 96 -23.98 -2.87 -17.64
N LEU C 97 -23.49 -1.79 -18.24
CA LEU C 97 -23.85 -0.46 -17.79
C LEU C 97 -25.30 -0.17 -18.17
N THR C 98 -26.01 0.49 -17.25
CA THR C 98 -27.46 0.67 -17.41
C THR C 98 -27.84 2.12 -17.16
N PHE C 99 -28.70 2.65 -18.01
CA PHE C 99 -29.28 3.98 -17.86
C PHE C 99 -30.68 3.89 -17.28
N GLY C 100 -31.08 4.92 -16.54
CA GLY C 100 -32.43 5.01 -16.05
C GLY C 100 -33.43 5.26 -17.17
N SER C 101 -34.70 5.13 -16.83
CA SER C 101 -35.77 5.29 -17.80
C SER C 101 -35.88 6.72 -18.34
N GLY C 102 -35.22 7.69 -17.71
CA GLY C 102 -35.26 9.06 -18.16
C GLY C 102 -36.49 9.81 -17.67
N THR C 103 -36.32 11.08 -17.32
CA THR C 103 -37.40 11.95 -16.89
C THR C 103 -37.34 13.25 -17.67
N LYS C 104 -38.46 13.64 -18.28
CA LYS C 104 -38.54 14.80 -19.14
C LYS C 104 -39.24 15.94 -18.42
N LEU C 105 -38.63 17.13 -18.46
CA LEU C 105 -39.21 18.33 -17.89
C LEU C 105 -39.82 19.15 -19.02
N GLU C 106 -41.12 19.46 -18.90
CA GLU C 106 -41.92 19.88 -20.02
C GLU C 106 -41.94 21.38 -20.26
N MET C 107 -41.39 22.18 -19.36
CA MET C 107 -41.42 23.64 -19.52
C MET C 107 -40.39 24.34 -18.65
#